data_2MJ8
#
_entry.id   2MJ8
#
_entity_poly.entity_id   1
_entity_poly.type   'polypeptide(L)'
_entity_poly.pdbx_seq_one_letter_code
;GASGDLYEVERIVDKRKNKKGKWEYLIRWKGYGSTEDTWEPEHHLLHCEEFIDEFNGLHMSKDK
;
_entity_poly.pdbx_strand_id   A
#
# COMPACT_ATOMS: atom_id res chain seq x y z
N GLY A 1 13.01 15.93 0.26
CA GLY A 1 12.05 15.01 -0.36
C GLY A 1 11.93 13.69 0.40
N ALA A 2 12.20 12.56 -0.29
CA ALA A 2 12.17 11.20 0.32
C ALA A 2 13.30 11.06 1.36
N SER A 3 12.91 11.16 2.64
CA SER A 3 13.85 11.17 3.78
C SER A 3 14.51 9.80 4.01
N GLY A 4 13.80 8.71 3.64
CA GLY A 4 14.33 7.36 3.79
C GLY A 4 13.41 6.26 3.27
N ASP A 5 12.56 5.71 4.16
CA ASP A 5 11.88 4.41 3.95
C ASP A 5 10.68 4.53 2.99
N LEU A 6 9.91 5.61 3.17
CA LEU A 6 8.66 5.84 2.43
C LEU A 6 8.93 6.69 1.21
N TYR A 7 9.36 6.00 0.16
CA TYR A 7 9.51 6.54 -1.18
C TYR A 7 8.15 6.96 -1.78
N GLU A 8 8.19 7.52 -2.99
CA GLU A 8 7.04 8.15 -3.63
C GLU A 8 6.00 7.10 -4.01
N VAL A 9 4.99 6.93 -3.15
CA VAL A 9 3.94 5.94 -3.34
C VAL A 9 3.08 6.31 -4.56
N GLU A 10 2.97 5.39 -5.52
CA GLU A 10 2.03 5.52 -6.63
C GLU A 10 0.61 5.27 -6.10
N ARG A 11 0.45 4.17 -5.34
CA ARG A 11 -0.85 3.76 -4.76
C ARG A 11 -0.66 2.48 -3.92
N ILE A 12 -1.73 2.04 -3.24
CA ILE A 12 -1.78 0.68 -2.67
C ILE A 12 -2.16 -0.32 -3.77
N VAL A 13 -1.34 -1.37 -3.89
CA VAL A 13 -1.59 -2.50 -4.78
C VAL A 13 -2.69 -3.37 -4.19
N ASP A 14 -2.43 -3.85 -2.96
CA ASP A 14 -3.23 -4.88 -2.29
C ASP A 14 -2.86 -4.91 -0.79
N LYS A 15 -3.37 -5.89 -0.04
CA LYS A 15 -2.94 -6.14 1.36
C LYS A 15 -2.92 -7.65 1.61
N ARG A 16 -2.27 -8.07 2.69
CA ARG A 16 -2.07 -9.49 3.01
C ARG A 16 -1.87 -9.64 4.53
N LYS A 17 -1.71 -10.90 4.95
CA LYS A 17 -1.27 -11.25 6.31
C LYS A 17 0.20 -11.72 6.24
N ASN A 18 0.95 -11.43 7.30
CA ASN A 18 2.33 -11.87 7.47
C ASN A 18 2.33 -13.31 7.99
N LYS A 19 3.48 -14.00 7.94
CA LYS A 19 3.61 -15.38 8.50
C LYS A 19 3.44 -15.38 10.05
N LYS A 20 3.59 -14.18 10.65
CA LYS A 20 3.35 -13.92 12.09
C LYS A 20 1.89 -13.38 12.31
N GLY A 21 1.10 -13.36 11.21
CA GLY A 21 -0.32 -12.98 11.22
C GLY A 21 -0.56 -11.47 11.38
N LYS A 22 0.33 -10.66 10.79
CA LYS A 22 0.28 -9.18 10.88
C LYS A 22 -0.22 -8.57 9.56
N TRP A 23 -0.79 -7.35 9.62
CA TRP A 23 -1.33 -6.68 8.43
C TRP A 23 -0.18 -6.01 7.64
N GLU A 24 0.13 -6.52 6.43
CA GLU A 24 1.07 -5.85 5.51
C GLU A 24 0.29 -5.44 4.27
N TYR A 25 0.45 -4.18 3.87
CA TYR A 25 -0.20 -3.64 2.68
C TYR A 25 0.83 -3.58 1.57
N LEU A 26 0.52 -4.25 0.46
CA LEU A 26 1.34 -4.27 -0.74
C LEU A 26 1.21 -2.89 -1.39
N ILE A 27 2.26 -2.07 -1.30
CA ILE A 27 2.30 -0.71 -1.87
C ILE A 27 3.23 -0.70 -3.09
N ARG A 28 2.86 0.06 -4.12
CA ARG A 28 3.74 0.34 -5.25
C ARG A 28 4.18 1.79 -5.19
N TRP A 29 5.45 2.01 -5.54
CA TRP A 29 6.07 3.33 -5.65
C TRP A 29 6.30 3.64 -7.15
N LYS A 30 6.10 4.92 -7.50
CA LYS A 30 6.14 5.39 -8.90
C LYS A 30 7.53 5.13 -9.53
N GLY A 31 7.53 4.86 -10.83
CA GLY A 31 8.74 4.54 -11.57
C GLY A 31 8.82 3.05 -11.88
N TYR A 32 8.33 2.20 -10.94
CA TYR A 32 8.34 0.73 -11.12
C TYR A 32 6.90 0.18 -11.08
N GLY A 33 6.08 0.77 -10.19
CA GLY A 33 4.63 0.49 -10.12
C GLY A 33 4.29 -1.00 -9.97
N SER A 34 4.01 -1.65 -11.12
CA SER A 34 3.63 -3.08 -11.17
C SER A 34 4.73 -3.96 -10.51
N THR A 35 5.97 -3.87 -11.03
CA THR A 35 7.10 -4.71 -10.58
C THR A 35 7.69 -4.19 -9.24
N GLU A 36 7.12 -3.11 -8.69
CA GLU A 36 7.56 -2.53 -7.39
C GLU A 36 6.93 -3.24 -6.20
N ASP A 37 5.69 -3.77 -6.43
CA ASP A 37 4.74 -4.22 -5.36
C ASP A 37 5.43 -4.85 -4.12
N THR A 38 5.63 -4.01 -3.08
CA THR A 38 6.41 -4.34 -1.90
C THR A 38 5.52 -4.25 -0.64
N TRP A 39 5.76 -5.16 0.31
CA TRP A 39 4.89 -5.34 1.50
C TRP A 39 5.37 -4.44 2.65
N GLU A 40 4.65 -3.33 2.86
CA GLU A 40 4.94 -2.37 3.93
C GLU A 40 3.94 -2.57 5.09
N PRO A 41 4.40 -2.52 6.38
CA PRO A 41 3.51 -2.70 7.56
C PRO A 41 2.41 -1.62 7.62
N GLU A 42 1.24 -2.03 8.14
CA GLU A 42 0.06 -1.14 8.25
C GLU A 42 0.38 0.14 9.03
N HIS A 43 1.03 -0.01 10.19
CA HIS A 43 1.28 1.12 11.11
C HIS A 43 2.48 1.98 10.66
N HIS A 44 2.99 1.78 9.41
CA HIS A 44 4.05 2.63 8.85
C HIS A 44 3.80 2.96 7.36
N LEU A 45 2.70 2.43 6.73
CA LEU A 45 2.56 2.46 5.25
C LEU A 45 2.46 3.92 4.71
N LEU A 46 1.54 4.72 5.29
CA LEU A 46 1.18 6.09 4.84
C LEU A 46 0.57 6.86 6.02
N HIS A 47 0.80 8.19 6.04
CA HIS A 47 0.23 9.10 7.07
C HIS A 47 -1.24 9.46 6.78
N CYS A 48 -1.78 8.94 5.65
CA CYS A 48 -3.13 9.25 5.18
C CYS A 48 -3.93 7.94 4.95
N GLU A 49 -5.06 7.80 5.66
CA GLU A 49 -5.94 6.59 5.56
C GLU A 49 -6.70 6.54 4.21
N GLU A 50 -6.69 7.68 3.47
CA GLU A 50 -7.32 7.78 2.13
C GLU A 50 -6.79 6.71 1.16
N PHE A 51 -5.47 6.42 1.27
CA PHE A 51 -4.80 5.36 0.48
C PHE A 51 -5.40 3.98 0.80
N ILE A 52 -5.65 3.71 2.10
CA ILE A 52 -6.25 2.42 2.55
C ILE A 52 -7.66 2.28 1.96
N ASP A 53 -8.38 3.42 1.91
CA ASP A 53 -9.74 3.48 1.37
C ASP A 53 -9.70 3.24 -0.15
N GLU A 54 -8.60 3.72 -0.79
CA GLU A 54 -8.37 3.59 -2.24
C GLU A 54 -8.24 2.11 -2.59
N PHE A 55 -7.58 1.32 -1.70
CA PHE A 55 -7.42 -0.13 -1.85
C PHE A 55 -8.80 -0.79 -1.90
N ASN A 56 -9.65 -0.40 -0.93
CA ASN A 56 -10.99 -0.98 -0.76
C ASN A 56 -11.87 -0.65 -1.99
N GLY A 57 -11.52 0.46 -2.66
CA GLY A 57 -12.21 0.90 -3.86
C GLY A 57 -11.75 0.18 -5.12
N LEU A 58 -10.41 0.02 -5.29
CA LEU A 58 -9.81 -0.49 -6.55
C LEU A 58 -9.90 -2.02 -6.63
N HIS A 59 -9.97 -2.66 -5.45
CA HIS A 59 -10.14 -4.11 -5.33
C HIS A 59 -11.65 -4.49 -5.43
N MET A 60 -12.52 -3.45 -5.37
CA MET A 60 -14.00 -3.60 -5.44
C MET A 60 -14.47 -4.44 -4.25
N SER A 61 -14.34 -3.87 -3.05
CA SER A 61 -14.51 -4.60 -1.77
C SER A 61 -15.67 -4.02 -0.96
N LYS A 62 -16.74 -4.80 -0.82
CA LYS A 62 -17.88 -4.46 0.03
C LYS A 62 -17.50 -4.82 1.48
N ASP A 63 -17.09 -3.78 2.24
CA ASP A 63 -16.64 -3.93 3.63
C ASP A 63 -17.22 -2.77 4.48
N LYS A 64 -17.92 -3.11 5.56
CA LYS A 64 -18.57 -2.11 6.44
C LYS A 64 -18.75 -2.72 7.86
N GLY A 1 8.84 14.47 -3.41
CA GLY A 1 10.05 13.70 -3.03
C GLY A 1 9.77 12.73 -1.88
N ALA A 2 10.84 12.06 -1.41
CA ALA A 2 10.76 11.09 -0.30
C ALA A 2 12.14 10.90 0.33
N SER A 3 12.19 10.91 1.67
CA SER A 3 13.45 10.78 2.43
C SER A 3 13.51 9.46 3.22
N GLY A 4 12.32 8.86 3.45
CA GLY A 4 12.21 7.66 4.28
C GLY A 4 12.24 6.36 3.48
N ASP A 5 11.83 5.27 4.16
CA ASP A 5 11.81 3.90 3.61
C ASP A 5 10.81 3.80 2.42
N LEU A 6 9.80 4.67 2.47
CA LEU A 6 8.66 4.64 1.58
C LEU A 6 8.77 5.80 0.63
N TYR A 7 9.28 5.48 -0.55
CA TYR A 7 9.37 6.40 -1.67
C TYR A 7 7.98 6.75 -2.23
N GLU A 8 7.96 7.51 -3.34
CA GLU A 8 6.75 8.13 -3.90
C GLU A 8 5.73 7.06 -4.29
N VAL A 9 4.75 6.80 -3.39
CA VAL A 9 3.76 5.75 -3.57
C VAL A 9 2.83 6.06 -4.76
N GLU A 10 2.69 5.08 -5.65
CA GLU A 10 1.72 5.13 -6.74
C GLU A 10 0.33 4.90 -6.15
N ARG A 11 0.21 3.82 -5.34
CA ARG A 11 -1.02 3.48 -4.58
C ARG A 11 -0.85 2.11 -3.91
N ILE A 12 -1.90 1.65 -3.23
CA ILE A 12 -1.95 0.28 -2.71
C ILE A 12 -2.38 -0.69 -3.82
N VAL A 13 -1.60 -1.76 -3.98
CA VAL A 13 -1.88 -2.88 -4.89
C VAL A 13 -2.96 -3.79 -4.27
N ASP A 14 -2.62 -4.25 -3.06
CA ASP A 14 -3.32 -5.33 -2.38
C ASP A 14 -2.92 -5.31 -0.90
N LYS A 15 -3.48 -6.21 -0.09
CA LYS A 15 -3.04 -6.40 1.31
C LYS A 15 -2.68 -7.88 1.52
N ARG A 16 -2.16 -8.18 2.71
CA ARG A 16 -1.85 -9.54 3.15
C ARG A 16 -1.61 -9.54 4.66
N LYS A 17 -1.41 -10.74 5.22
CA LYS A 17 -0.99 -10.92 6.61
C LYS A 17 0.43 -11.49 6.60
N ASN A 18 1.30 -10.95 7.47
CA ASN A 18 2.66 -11.48 7.70
C ASN A 18 2.57 -12.91 8.29
N LYS A 19 3.67 -13.66 8.25
CA LYS A 19 3.74 -15.03 8.82
C LYS A 19 3.60 -15.00 10.36
N LYS A 20 3.80 -13.81 10.94
CA LYS A 20 3.59 -13.53 12.38
C LYS A 20 2.18 -12.90 12.61
N GLY A 21 1.32 -13.00 11.58
CA GLY A 21 -0.06 -12.49 11.64
C GLY A 21 -0.17 -10.98 11.79
N LYS A 22 0.78 -10.24 11.20
CA LYS A 22 0.81 -8.76 11.25
C LYS A 22 0.11 -8.14 10.03
N TRP A 23 -0.32 -6.89 10.19
CA TRP A 23 -1.09 -6.16 9.17
C TRP A 23 -0.11 -5.63 8.11
N GLU A 24 -0.26 -6.12 6.88
CA GLU A 24 0.62 -5.79 5.76
C GLU A 24 -0.23 -5.33 4.56
N TYR A 25 0.34 -4.44 3.74
CA TYR A 25 -0.26 -3.98 2.49
C TYR A 25 0.82 -3.99 1.39
N LEU A 26 0.50 -4.63 0.27
CA LEU A 26 1.32 -4.63 -0.94
C LEU A 26 1.20 -3.23 -1.59
N ILE A 27 2.28 -2.44 -1.60
CA ILE A 27 2.29 -1.06 -2.12
C ILE A 27 3.22 -0.96 -3.35
N ARG A 28 2.74 -0.26 -4.39
CA ARG A 28 3.53 0.04 -5.60
C ARG A 28 3.94 1.52 -5.54
N TRP A 29 5.19 1.83 -5.96
CA TRP A 29 5.78 3.19 -5.96
C TRP A 29 6.30 3.55 -7.36
N LYS A 30 6.24 4.87 -7.67
CA LYS A 30 6.87 5.45 -8.86
C LYS A 30 8.37 5.10 -8.94
N GLY A 31 8.87 4.94 -10.17
CA GLY A 31 10.21 4.44 -10.43
C GLY A 31 10.18 3.02 -10.98
N TYR A 32 9.25 2.19 -10.46
CA TYR A 32 8.98 0.83 -11.00
C TYR A 32 7.47 0.66 -11.28
N GLY A 33 6.66 1.56 -10.69
CA GLY A 33 5.20 1.51 -10.83
C GLY A 33 4.60 0.26 -10.19
N SER A 34 3.86 -0.52 -10.99
CA SER A 34 3.12 -1.72 -10.52
C SER A 34 4.08 -2.82 -10.02
N THR A 35 5.22 -3.00 -10.72
CA THR A 35 6.21 -4.07 -10.39
C THR A 35 7.08 -3.71 -9.16
N GLU A 36 6.86 -2.52 -8.58
CA GLU A 36 7.49 -2.11 -7.31
C GLU A 36 6.83 -2.81 -6.11
N ASP A 37 5.60 -3.33 -6.35
CA ASP A 37 4.73 -3.98 -5.34
C ASP A 37 5.52 -4.75 -4.26
N THR A 38 5.50 -4.20 -3.03
CA THR A 38 6.31 -4.66 -1.90
C THR A 38 5.48 -4.64 -0.61
N TRP A 39 5.70 -5.62 0.26
CA TRP A 39 4.90 -5.82 1.48
C TRP A 39 5.36 -4.86 2.59
N GLU A 40 4.59 -3.79 2.80
CA GLU A 40 4.89 -2.74 3.80
C GLU A 40 3.93 -2.86 4.99
N PRO A 41 4.40 -2.56 6.25
CA PRO A 41 3.54 -2.67 7.45
C PRO A 41 2.49 -1.55 7.49
N GLU A 42 1.24 -1.95 7.79
CA GLU A 42 0.06 -1.05 7.83
C GLU A 42 0.25 0.11 8.81
N HIS A 43 0.82 -0.15 10.00
CA HIS A 43 1.02 0.90 11.01
C HIS A 43 2.10 1.93 10.60
N HIS A 44 2.74 1.72 9.42
CA HIS A 44 3.76 2.65 8.88
C HIS A 44 3.52 3.00 7.40
N LEU A 45 2.55 2.33 6.71
CA LEU A 45 2.54 2.29 5.21
C LEU A 45 2.39 3.69 4.58
N LEU A 46 1.54 4.52 5.20
CA LEU A 46 1.21 5.89 4.80
C LEU A 46 0.64 6.59 6.05
N HIS A 47 0.93 7.89 6.19
CA HIS A 47 0.35 8.74 7.24
C HIS A 47 -1.16 8.98 6.95
N CYS A 48 -1.59 8.77 5.70
CA CYS A 48 -2.96 8.97 5.26
C CYS A 48 -3.67 7.60 5.11
N GLU A 49 -4.72 7.38 5.92
CA GLU A 49 -5.57 6.17 5.83
C GLU A 49 -6.43 6.20 4.55
N GLU A 50 -6.46 7.38 3.89
CA GLU A 50 -7.18 7.62 2.62
C GLU A 50 -6.82 6.56 1.55
N PHE A 51 -5.51 6.24 1.51
CA PHE A 51 -4.97 5.21 0.60
C PHE A 51 -5.61 3.82 0.86
N ILE A 52 -5.78 3.47 2.14
CA ILE A 52 -6.43 2.19 2.53
C ILE A 52 -7.89 2.21 2.02
N ASP A 53 -8.53 3.39 2.13
CA ASP A 53 -9.92 3.56 1.73
C ASP A 53 -10.05 3.42 0.20
N GLU A 54 -9.09 4.00 -0.57
CA GLU A 54 -9.15 3.98 -2.05
C GLU A 54 -8.89 2.55 -2.52
N PHE A 55 -8.10 1.80 -1.71
CA PHE A 55 -7.77 0.40 -1.98
C PHE A 55 -9.06 -0.44 -1.96
N ASN A 56 -9.92 -0.16 -0.97
CA ASN A 56 -11.22 -0.84 -0.81
C ASN A 56 -12.10 -0.59 -2.06
N GLY A 57 -11.94 0.61 -2.64
CA GLY A 57 -12.69 1.00 -3.84
C GLY A 57 -12.08 0.54 -5.16
N LEU A 58 -10.74 0.38 -5.23
CA LEU A 58 -10.04 0.11 -6.52
C LEU A 58 -9.87 -1.39 -6.77
N HIS A 59 -9.71 -2.15 -5.68
CA HIS A 59 -9.43 -3.60 -5.73
C HIS A 59 -10.69 -4.38 -6.15
N MET A 60 -11.85 -3.84 -5.74
CA MET A 60 -13.18 -4.35 -6.12
C MET A 60 -14.17 -3.17 -6.15
N SER A 61 -15.14 -3.24 -7.10
CA SER A 61 -16.20 -2.21 -7.28
C SER A 61 -15.59 -0.88 -7.79
N LYS A 62 -14.56 -0.99 -8.65
CA LYS A 62 -13.87 0.17 -9.25
C LYS A 62 -14.76 0.76 -10.37
N ASP A 63 -15.14 -0.10 -11.34
CA ASP A 63 -15.86 0.31 -12.57
C ASP A 63 -17.23 0.94 -12.22
N LYS A 64 -17.36 2.23 -12.55
CA LYS A 64 -18.55 3.05 -12.28
C LYS A 64 -19.23 3.44 -13.62
N GLY A 1 7.94 12.47 -3.18
CA GLY A 1 9.17 11.67 -3.40
C GLY A 1 10.15 11.82 -2.26
N ALA A 2 10.91 10.74 -1.98
CA ALA A 2 11.99 10.71 -0.98
C ALA A 2 11.51 11.10 0.44
N SER A 3 10.27 10.69 0.80
CA SER A 3 9.67 11.01 2.12
C SER A 3 10.11 9.97 3.18
N GLY A 4 11.44 9.93 3.44
CA GLY A 4 12.04 9.01 4.41
C GLY A 4 12.04 7.55 3.93
N ASP A 5 11.50 6.66 4.77
CA ASP A 5 11.37 5.21 4.45
C ASP A 5 10.30 4.98 3.36
N LEU A 6 9.40 5.95 3.21
CA LEU A 6 8.28 5.91 2.29
C LEU A 6 8.63 6.82 1.10
N TYR A 7 9.36 6.24 0.15
CA TYR A 7 9.88 6.90 -1.07
C TYR A 7 8.80 7.78 -1.75
N GLU A 8 7.96 7.18 -2.62
CA GLU A 8 6.71 7.79 -3.10
C GLU A 8 5.78 6.69 -3.54
N VAL A 9 4.69 6.47 -2.80
CA VAL A 9 3.68 5.47 -3.14
C VAL A 9 2.90 5.96 -4.38
N GLU A 10 2.86 5.13 -5.42
CA GLU A 10 2.02 5.36 -6.58
C GLU A 10 0.55 5.15 -6.17
N ARG A 11 0.31 4.01 -5.50
CA ARG A 11 -0.99 3.67 -4.85
C ARG A 11 -0.90 2.27 -4.21
N ILE A 12 -1.96 1.85 -3.51
CA ILE A 12 -2.03 0.50 -2.94
C ILE A 12 -2.55 -0.49 -3.99
N VAL A 13 -1.82 -1.59 -4.16
CA VAL A 13 -2.18 -2.71 -5.03
C VAL A 13 -3.19 -3.62 -4.33
N ASP A 14 -2.82 -4.07 -3.11
CA ASP A 14 -3.53 -5.13 -2.38
C ASP A 14 -3.07 -5.09 -0.89
N LYS A 15 -3.50 -6.07 -0.07
CA LYS A 15 -2.96 -6.30 1.27
C LYS A 15 -3.00 -7.81 1.57
N ARG A 16 -2.35 -8.19 2.68
CA ARG A 16 -2.38 -9.58 3.20
C ARG A 16 -1.86 -9.62 4.64
N LYS A 17 -1.97 -10.80 5.26
CA LYS A 17 -1.38 -11.08 6.57
C LYS A 17 -0.06 -11.85 6.38
N ASN A 18 0.97 -11.47 7.15
CA ASN A 18 2.22 -12.26 7.29
C ASN A 18 1.88 -13.62 7.97
N LYS A 19 2.81 -14.60 7.86
CA LYS A 19 2.72 -15.87 8.64
C LYS A 19 2.78 -15.57 10.16
N LYS A 20 3.40 -14.42 10.48
CA LYS A 20 3.48 -13.83 11.82
C LYS A 20 2.15 -13.15 12.25
N GLY A 21 1.13 -13.18 11.36
CA GLY A 21 -0.16 -12.54 11.58
C GLY A 21 -0.06 -11.02 11.71
N LYS A 22 0.90 -10.44 10.96
CA LYS A 22 1.13 -8.99 10.92
C LYS A 22 0.34 -8.37 9.75
N TRP A 23 0.15 -7.05 9.78
CA TRP A 23 -0.67 -6.33 8.80
C TRP A 23 0.25 -5.73 7.73
N GLU A 24 0.20 -6.26 6.51
CA GLU A 24 0.94 -5.72 5.35
C GLU A 24 -0.05 -5.29 4.28
N TYR A 25 0.47 -4.43 3.41
CA TYR A 25 -0.24 -3.92 2.24
C TYR A 25 0.73 -3.99 1.06
N LEU A 26 0.28 -4.65 -0.02
CA LEU A 26 1.02 -4.67 -1.28
C LEU A 26 0.86 -3.29 -1.92
N ILE A 27 1.92 -2.49 -1.86
CA ILE A 27 1.97 -1.14 -2.40
C ILE A 27 2.84 -1.14 -3.66
N ARG A 28 2.58 -0.21 -4.58
CA ARG A 28 3.50 0.10 -5.67
C ARG A 28 4.01 1.53 -5.50
N TRP A 29 5.32 1.72 -5.66
CA TRP A 29 5.97 3.05 -5.67
C TRP A 29 6.21 3.51 -7.11
N LYS A 30 6.11 4.83 -7.34
CA LYS A 30 6.26 5.41 -8.68
C LYS A 30 7.72 5.26 -9.16
N GLY A 31 7.88 4.99 -10.47
CA GLY A 31 9.19 4.69 -11.05
C GLY A 31 9.34 3.22 -11.40
N TYR A 32 8.60 2.34 -10.69
CA TYR A 32 8.61 0.88 -10.95
C TYR A 32 7.18 0.35 -11.17
N GLY A 33 6.22 0.92 -10.44
CA GLY A 33 4.81 0.55 -10.56
C GLY A 33 4.52 -0.89 -10.15
N SER A 34 3.94 -1.69 -11.07
CA SER A 34 3.52 -3.08 -10.79
C SER A 34 4.69 -3.95 -10.26
N THR A 35 5.88 -3.81 -10.89
CA THR A 35 7.06 -4.63 -10.57
C THR A 35 7.73 -4.19 -9.25
N GLU A 36 7.31 -3.05 -8.68
CA GLU A 36 7.78 -2.59 -7.36
C GLU A 36 7.23 -3.46 -6.24
N ASP A 37 5.97 -3.95 -6.46
CA ASP A 37 5.07 -4.58 -5.46
C ASP A 37 5.76 -4.95 -4.12
N THR A 38 5.77 -3.97 -3.21
CA THR A 38 6.39 -4.04 -1.90
C THR A 38 5.32 -4.30 -0.84
N TRP A 39 5.70 -4.91 0.30
CA TRP A 39 4.75 -5.20 1.38
C TRP A 39 5.03 -4.28 2.58
N GLU A 40 4.55 -3.03 2.49
CA GLU A 40 4.72 -2.05 3.57
C GLU A 40 3.77 -2.39 4.75
N PRO A 41 4.28 -2.42 6.01
CA PRO A 41 3.45 -2.67 7.21
C PRO A 41 2.45 -1.52 7.44
N GLU A 42 1.24 -1.85 7.87
CA GLU A 42 0.12 -0.91 8.05
C GLU A 42 0.48 0.29 8.96
N HIS A 43 1.16 0.00 10.06
CA HIS A 43 1.50 1.03 11.07
C HIS A 43 2.64 1.95 10.58
N HIS A 44 3.18 1.69 9.37
CA HIS A 44 4.24 2.50 8.76
C HIS A 44 3.90 2.89 7.30
N LEU A 45 2.83 2.31 6.69
CA LEU A 45 2.67 2.33 5.21
C LEU A 45 2.50 3.77 4.67
N LEU A 46 1.67 4.56 5.37
CA LEU A 46 1.25 5.91 4.98
C LEU A 46 0.91 6.72 6.23
N HIS A 47 0.86 8.04 6.04
CA HIS A 47 0.41 9.02 7.02
C HIS A 47 -1.13 9.15 6.99
N CYS A 48 -1.72 8.89 5.81
CA CYS A 48 -3.15 9.12 5.56
C CYS A 48 -3.86 7.81 5.17
N GLU A 49 -5.02 7.59 5.81
CA GLU A 49 -5.88 6.38 5.60
C GLU A 49 -6.59 6.42 4.22
N GLU A 50 -6.63 7.60 3.57
CA GLU A 50 -7.27 7.79 2.24
C GLU A 50 -6.76 6.77 1.19
N PHE A 51 -5.47 6.41 1.28
CA PHE A 51 -4.84 5.41 0.40
C PHE A 51 -5.46 4.02 0.66
N ILE A 52 -5.68 3.69 1.93
CA ILE A 52 -6.34 2.44 2.34
C ILE A 52 -7.79 2.43 1.81
N ASP A 53 -8.40 3.64 1.79
CA ASP A 53 -9.77 3.83 1.29
C ASP A 53 -9.82 3.57 -0.22
N GLU A 54 -8.78 4.04 -0.96
CA GLU A 54 -8.73 3.89 -2.41
C GLU A 54 -8.51 2.42 -2.76
N PHE A 55 -7.82 1.68 -1.84
CA PHE A 55 -7.60 0.23 -1.95
C PHE A 55 -8.95 -0.49 -1.86
N ASN A 56 -9.78 -0.03 -0.91
CA ASN A 56 -11.11 -0.61 -0.64
C ASN A 56 -12.08 -0.28 -1.80
N GLY A 57 -11.67 0.68 -2.66
CA GLY A 57 -12.40 1.01 -3.88
C GLY A 57 -11.83 0.37 -5.16
N LEU A 58 -10.50 0.13 -5.21
CA LEU A 58 -9.83 -0.27 -6.48
C LEU A 58 -9.74 -1.81 -6.60
N HIS A 59 -9.28 -2.47 -5.52
CA HIS A 59 -9.11 -3.93 -5.47
C HIS A 59 -10.41 -4.57 -5.02
N MET A 60 -11.06 -3.95 -4.04
CA MET A 60 -12.35 -4.39 -3.51
C MET A 60 -13.48 -3.59 -4.17
N SER A 61 -14.55 -4.27 -4.57
CA SER A 61 -15.75 -3.63 -5.15
C SER A 61 -16.69 -3.20 -4.00
N LYS A 62 -16.26 -2.14 -3.27
CA LYS A 62 -17.01 -1.61 -2.13
C LYS A 62 -17.03 -0.07 -2.18
N ASP A 63 -18.19 0.47 -2.57
CA ASP A 63 -18.50 1.90 -2.50
C ASP A 63 -18.93 2.26 -1.05
N LYS A 64 -19.16 3.55 -0.77
CA LYS A 64 -19.60 4.03 0.56
C LYS A 64 -21.11 3.72 0.82
N GLY A 1 7.62 11.57 -1.70
CA GLY A 1 8.64 12.51 -1.18
C GLY A 1 10.02 11.87 -1.15
N ALA A 2 10.66 11.90 0.03
CA ALA A 2 11.99 11.29 0.26
C ALA A 2 12.25 11.14 1.76
N SER A 3 13.46 10.63 2.12
CA SER A 3 13.97 10.53 3.50
C SER A 3 13.05 9.65 4.39
N GLY A 4 13.26 8.32 4.29
CA GLY A 4 12.50 7.33 5.06
C GLY A 4 12.28 6.04 4.27
N ASP A 5 11.54 5.10 4.89
CA ASP A 5 11.14 3.82 4.23
C ASP A 5 10.17 4.10 3.06
N LEU A 6 9.43 5.20 3.21
CA LEU A 6 8.42 5.66 2.28
C LEU A 6 9.05 6.72 1.39
N TYR A 7 9.71 6.23 0.33
CA TYR A 7 10.19 7.08 -0.78
C TYR A 7 9.02 7.91 -1.33
N GLU A 8 8.20 7.31 -2.19
CA GLU A 8 7.02 7.94 -2.76
C GLU A 8 6.10 6.84 -3.24
N VAL A 9 4.93 6.65 -2.60
CA VAL A 9 3.99 5.58 -2.98
C VAL A 9 3.08 6.08 -4.13
N GLU A 10 2.85 5.24 -5.16
CA GLU A 10 1.86 5.53 -6.21
C GLU A 10 0.46 5.27 -5.67
N ARG A 11 0.25 4.04 -5.16
CA ARG A 11 -1.05 3.57 -4.63
C ARG A 11 -0.90 2.19 -3.98
N ILE A 12 -1.96 1.73 -3.32
CA ILE A 12 -2.03 0.37 -2.80
C ILE A 12 -2.49 -0.59 -3.91
N VAL A 13 -1.70 -1.63 -4.10
CA VAL A 13 -1.98 -2.75 -5.01
C VAL A 13 -3.01 -3.70 -4.38
N ASP A 14 -2.67 -4.18 -3.17
CA ASP A 14 -3.36 -5.30 -2.52
C ASP A 14 -3.01 -5.28 -1.01
N LYS A 15 -3.53 -6.24 -0.23
CA LYS A 15 -3.15 -6.44 1.18
C LYS A 15 -2.98 -7.93 1.47
N ARG A 16 -2.39 -8.25 2.62
CA ARG A 16 -2.25 -9.62 3.11
C ARG A 16 -1.92 -9.59 4.61
N LYS A 17 -1.82 -10.78 5.19
CA LYS A 17 -1.34 -10.97 6.56
C LYS A 17 0.05 -11.56 6.48
N ASN A 18 0.97 -11.01 7.27
CA ASN A 18 2.37 -11.48 7.37
C ASN A 18 2.40 -12.90 8.00
N LYS A 19 3.58 -13.57 7.98
CA LYS A 19 3.78 -14.86 8.68
C LYS A 19 3.61 -14.67 10.21
N LYS A 20 3.90 -13.44 10.67
CA LYS A 20 3.74 -13.01 12.07
C LYS A 20 2.27 -12.56 12.36
N GLY A 21 1.43 -12.62 11.32
CA GLY A 21 0.01 -12.28 11.42
C GLY A 21 -0.23 -10.79 11.56
N LYS A 22 0.63 -9.99 10.93
CA LYS A 22 0.57 -8.53 10.97
C LYS A 22 -0.09 -7.96 9.72
N TRP A 23 -0.58 -6.72 9.84
CA TRP A 23 -1.30 -6.03 8.78
C TRP A 23 -0.30 -5.57 7.72
N GLU A 24 -0.40 -6.15 6.54
CA GLU A 24 0.48 -5.85 5.40
C GLU A 24 -0.36 -5.29 4.27
N TYR A 25 0.25 -4.40 3.50
CA TYR A 25 -0.33 -3.87 2.26
C TYR A 25 0.73 -3.94 1.17
N LEU A 26 0.36 -4.60 0.07
CA LEU A 26 1.15 -4.62 -1.16
C LEU A 26 1.01 -3.24 -1.80
N ILE A 27 2.10 -2.48 -1.81
CA ILE A 27 2.16 -1.11 -2.34
C ILE A 27 3.05 -1.11 -3.60
N ARG A 28 2.72 -0.25 -4.57
CA ARG A 28 3.63 0.11 -5.66
C ARG A 28 4.06 1.57 -5.45
N TRP A 29 5.38 1.81 -5.48
CA TRP A 29 5.95 3.15 -5.39
C TRP A 29 5.88 3.85 -6.75
N LYS A 30 5.76 5.18 -6.72
CA LYS A 30 5.68 6.02 -7.92
C LYS A 30 7.08 6.19 -8.51
N GLY A 31 7.19 6.05 -9.84
CA GLY A 31 8.47 5.89 -10.53
C GLY A 31 8.78 4.41 -10.78
N TYR A 32 8.08 3.53 -10.05
CA TYR A 32 8.15 2.07 -10.20
C TYR A 32 6.77 1.53 -10.65
N GLY A 33 6.75 0.30 -11.21
CA GLY A 33 5.51 -0.32 -11.72
C GLY A 33 5.02 -1.44 -10.82
N SER A 34 4.36 -2.44 -11.42
CA SER A 34 3.90 -3.65 -10.72
C SER A 34 5.11 -4.54 -10.34
N THR A 35 6.19 -4.44 -11.14
CA THR A 35 7.48 -5.13 -10.88
C THR A 35 8.11 -4.68 -9.52
N GLU A 36 7.59 -3.58 -8.95
CA GLU A 36 7.92 -3.15 -7.58
C GLU A 36 7.24 -4.08 -6.56
N ASP A 37 5.89 -4.04 -6.58
CA ASP A 37 4.97 -4.53 -5.50
C ASP A 37 5.68 -4.97 -4.18
N THR A 38 5.85 -4.00 -3.28
CA THR A 38 6.57 -4.17 -2.00
C THR A 38 5.56 -4.39 -0.84
N TRP A 39 5.92 -5.25 0.13
CA TRP A 39 5.08 -5.51 1.31
C TRP A 39 5.44 -4.52 2.42
N GLU A 40 4.70 -3.40 2.47
CA GLU A 40 4.88 -2.39 3.53
C GLU A 40 3.80 -2.59 4.60
N PRO A 41 4.19 -2.66 5.92
CA PRO A 41 3.22 -2.87 7.01
C PRO A 41 2.33 -1.64 7.18
N GLU A 42 1.07 -1.84 7.60
CA GLU A 42 0.09 -0.76 7.80
C GLU A 42 0.63 0.29 8.80
N HIS A 43 1.30 -0.20 9.85
CA HIS A 43 1.89 0.63 10.91
C HIS A 43 3.05 1.53 10.39
N HIS A 44 3.52 1.28 9.14
CA HIS A 44 4.60 2.08 8.51
C HIS A 44 4.30 2.41 7.03
N LEU A 45 3.09 2.07 6.51
CA LEU A 45 2.80 2.23 5.04
C LEU A 45 2.61 3.72 4.69
N LEU A 46 2.07 4.46 5.68
CA LEU A 46 1.73 5.91 5.59
C LEU A 46 0.92 6.32 6.83
N HIS A 47 0.76 7.63 6.99
CA HIS A 47 -0.19 8.24 7.95
C HIS A 47 -1.47 8.69 7.18
N CYS A 48 -1.45 8.53 5.85
CA CYS A 48 -2.53 8.96 4.94
C CYS A 48 -3.45 7.76 4.59
N GLU A 49 -4.63 7.72 5.23
CA GLU A 49 -5.63 6.65 5.06
C GLU A 49 -6.34 6.72 3.68
N GLU A 50 -6.16 7.86 2.97
CA GLU A 50 -6.71 8.08 1.61
C GLU A 50 -6.41 6.90 0.65
N PHE A 51 -5.17 6.38 0.70
CA PHE A 51 -4.73 5.24 -0.12
C PHE A 51 -5.47 3.95 0.28
N ILE A 52 -5.66 3.75 1.60
CA ILE A 52 -6.42 2.59 2.14
C ILE A 52 -7.87 2.67 1.64
N ASP A 53 -8.39 3.90 1.55
CA ASP A 53 -9.77 4.17 1.12
C ASP A 53 -9.92 3.80 -0.37
N GLU A 54 -8.89 4.16 -1.19
CA GLU A 54 -8.92 3.90 -2.64
C GLU A 54 -8.77 2.39 -2.86
N PHE A 55 -8.07 1.74 -1.91
CA PHE A 55 -7.87 0.29 -1.92
C PHE A 55 -9.21 -0.42 -1.72
N ASN A 56 -10.04 0.12 -0.82
CA ASN A 56 -11.39 -0.42 -0.54
C ASN A 56 -12.29 -0.21 -1.78
N GLY A 57 -11.92 0.80 -2.60
CA GLY A 57 -12.59 1.06 -3.87
C GLY A 57 -12.12 0.16 -5.01
N LEU A 58 -10.81 -0.19 -5.06
CA LEU A 58 -10.21 -0.88 -6.23
C LEU A 58 -10.24 -2.42 -6.07
N HIS A 59 -10.16 -2.89 -4.82
CA HIS A 59 -10.04 -4.33 -4.50
C HIS A 59 -11.38 -5.04 -4.74
N MET A 60 -12.46 -4.32 -4.44
CA MET A 60 -13.84 -4.72 -4.73
C MET A 60 -14.61 -3.47 -5.19
N SER A 61 -14.65 -3.28 -6.53
CA SER A 61 -15.26 -2.10 -7.15
C SER A 61 -16.80 -2.27 -7.20
N LYS A 62 -17.48 -1.54 -6.32
CA LYS A 62 -18.95 -1.50 -6.23
C LYS A 62 -19.40 -0.09 -6.59
N ASP A 63 -20.14 0.03 -7.71
CA ASP A 63 -20.72 1.31 -8.17
C ASP A 63 -21.96 1.67 -7.32
N LYS A 64 -22.22 2.99 -7.18
CA LYS A 64 -23.23 3.57 -6.24
C LYS A 64 -24.61 2.85 -6.31
N GLY A 1 12.13 14.81 -0.88
CA GLY A 1 12.64 13.57 -0.27
C GLY A 1 12.68 13.65 1.25
N ALA A 2 13.65 12.93 1.86
CA ALA A 2 13.87 12.88 3.32
C ALA A 2 12.66 12.28 4.08
N SER A 3 11.91 11.40 3.38
CA SER A 3 10.69 10.77 3.92
C SER A 3 10.90 9.27 4.24
N GLY A 4 12.16 8.80 4.10
CA GLY A 4 12.57 7.44 4.49
C GLY A 4 11.89 6.33 3.70
N ASP A 5 11.01 5.56 4.39
CA ASP A 5 10.28 4.40 3.82
C ASP A 5 9.37 4.85 2.65
N LEU A 6 8.71 5.98 2.88
CA LEU A 6 7.62 6.50 2.04
C LEU A 6 8.17 7.57 1.10
N TYR A 7 8.99 7.12 0.13
CA TYR A 7 9.56 7.97 -0.94
C TYR A 7 8.46 8.73 -1.70
N GLU A 8 7.75 8.00 -2.58
CA GLU A 8 6.65 8.55 -3.36
C GLU A 8 5.78 7.37 -3.80
N VAL A 9 4.93 6.87 -2.88
CA VAL A 9 4.05 5.73 -3.17
C VAL A 9 2.97 6.13 -4.19
N GLU A 10 2.74 5.29 -5.21
CA GLU A 10 1.72 5.54 -6.21
C GLU A 10 0.34 5.14 -5.66
N ARG A 11 0.24 3.88 -5.17
CA ARG A 11 -1.06 3.35 -4.70
C ARG A 11 -0.85 2.06 -3.88
N ILE A 12 -1.89 1.69 -3.12
CA ILE A 12 -1.97 0.35 -2.54
C ILE A 12 -2.45 -0.63 -3.61
N VAL A 13 -1.63 -1.65 -3.84
CA VAL A 13 -1.92 -2.75 -4.76
C VAL A 13 -2.93 -3.71 -4.12
N ASP A 14 -2.59 -4.16 -2.89
CA ASP A 14 -3.31 -5.23 -2.19
C ASP A 14 -2.95 -5.16 -0.68
N LYS A 15 -3.60 -6.00 0.14
CA LYS A 15 -3.19 -6.23 1.53
C LYS A 15 -3.56 -7.66 1.92
N ARG A 16 -2.84 -8.17 2.91
CA ARG A 16 -2.89 -9.56 3.35
C ARG A 16 -2.34 -9.66 4.78
N LYS A 17 -2.36 -10.88 5.32
CA LYS A 17 -1.80 -11.17 6.65
C LYS A 17 -0.38 -11.74 6.46
N ASN A 18 0.63 -10.99 6.94
CA ASN A 18 2.05 -11.46 7.03
C ASN A 18 2.14 -12.78 7.85
N LYS A 19 3.23 -13.55 7.68
CA LYS A 19 3.44 -14.87 8.34
C LYS A 19 3.30 -14.82 9.90
N LYS A 20 3.57 -13.64 10.48
CA LYS A 20 3.40 -13.37 11.92
C LYS A 20 1.96 -12.91 12.27
N GLY A 21 1.03 -13.11 11.33
CA GLY A 21 -0.36 -12.63 11.45
C GLY A 21 -0.46 -11.10 11.54
N LYS A 22 0.45 -10.40 10.84
CA LYS A 22 0.51 -8.92 10.85
C LYS A 22 -0.30 -8.31 9.69
N TRP A 23 -0.85 -7.12 9.92
CA TRP A 23 -1.44 -6.29 8.88
C TRP A 23 -0.31 -5.81 7.95
N GLU A 24 -0.34 -6.29 6.70
CA GLU A 24 0.72 -6.00 5.72
C GLU A 24 0.08 -5.67 4.37
N TYR A 25 0.53 -4.59 3.75
CA TYR A 25 -0.08 -4.00 2.57
C TYR A 25 0.93 -4.01 1.42
N LEU A 26 0.53 -4.63 0.29
CA LEU A 26 1.31 -4.58 -0.94
C LEU A 26 1.13 -3.17 -1.55
N ILE A 27 2.19 -2.37 -1.49
CA ILE A 27 2.24 -1.02 -2.05
C ILE A 27 3.20 -1.02 -3.26
N ARG A 28 2.95 -0.12 -4.23
CA ARG A 28 3.94 0.18 -5.29
C ARG A 28 4.26 1.67 -5.23
N TRP A 29 5.57 2.01 -5.30
CA TRP A 29 6.01 3.41 -5.40
C TRP A 29 6.42 3.76 -6.84
N LYS A 30 6.25 5.05 -7.14
CA LYS A 30 6.26 5.58 -8.51
C LYS A 30 7.69 5.71 -9.02
N GLY A 31 7.88 5.39 -10.30
CA GLY A 31 9.20 5.23 -10.90
C GLY A 31 9.52 3.76 -11.16
N TYR A 32 8.87 2.85 -10.40
CA TYR A 32 9.03 1.40 -10.57
C TYR A 32 7.72 0.78 -11.09
N GLY A 33 6.66 0.87 -10.28
CA GLY A 33 5.33 0.38 -10.65
C GLY A 33 5.07 -1.05 -10.21
N SER A 34 4.59 -1.90 -11.13
CA SER A 34 4.26 -3.32 -10.85
C SER A 34 5.50 -4.11 -10.38
N THR A 35 6.64 -3.88 -11.08
CA THR A 35 7.93 -4.54 -10.79
C THR A 35 8.41 -4.24 -9.36
N GLU A 36 7.87 -3.16 -8.76
CA GLU A 36 8.13 -2.78 -7.38
C GLU A 36 7.41 -3.79 -6.45
N ASP A 37 6.06 -3.71 -6.48
CA ASP A 37 5.12 -4.25 -5.44
C ASP A 37 5.82 -4.80 -4.17
N THR A 38 6.01 -3.92 -3.17
CA THR A 38 6.64 -4.26 -1.88
C THR A 38 5.55 -4.49 -0.84
N TRP A 39 5.82 -5.35 0.12
CA TRP A 39 4.89 -5.65 1.22
C TRP A 39 5.37 -4.89 2.47
N GLU A 40 4.82 -3.67 2.65
CA GLU A 40 5.10 -2.81 3.81
C GLU A 40 4.11 -3.15 4.92
N PRO A 41 4.52 -3.17 6.23
CA PRO A 41 3.57 -3.39 7.33
C PRO A 41 2.65 -2.16 7.48
N GLU A 42 1.59 -2.27 8.27
CA GLU A 42 0.63 -1.17 8.44
C GLU A 42 1.33 0.06 9.06
N HIS A 43 2.30 -0.18 9.97
CA HIS A 43 3.08 0.89 10.63
C HIS A 43 4.04 1.61 9.63
N HIS A 44 4.26 1.03 8.43
CA HIS A 44 5.13 1.63 7.38
C HIS A 44 4.42 1.69 6.01
N LEU A 45 3.07 1.51 5.96
CA LEU A 45 2.36 1.58 4.66
C LEU A 45 2.23 3.05 4.21
N LEU A 46 1.81 3.91 5.18
CA LEU A 46 1.45 5.35 4.99
C LEU A 46 0.82 5.88 6.29
N HIS A 47 0.65 7.21 6.36
CA HIS A 47 -0.19 7.90 7.38
C HIS A 47 -1.51 8.37 6.73
N CYS A 48 -1.50 8.44 5.38
CA CYS A 48 -2.62 8.97 4.58
C CYS A 48 -3.69 7.89 4.38
N GLU A 49 -4.79 7.98 5.16
CA GLU A 49 -5.89 6.99 5.15
C GLU A 49 -6.66 6.99 3.80
N GLU A 50 -6.52 8.11 3.05
CA GLU A 50 -7.14 8.29 1.72
C GLU A 50 -6.77 7.15 0.74
N PHE A 51 -5.49 6.73 0.72
CA PHE A 51 -5.03 5.61 -0.13
C PHE A 51 -5.66 4.28 0.32
N ILE A 52 -5.81 4.10 1.65
CA ILE A 52 -6.47 2.91 2.26
C ILE A 52 -7.93 2.85 1.78
N ASP A 53 -8.56 4.05 1.69
CA ASP A 53 -9.94 4.20 1.23
C ASP A 53 -10.03 3.80 -0.26
N GLU A 54 -9.01 4.24 -1.04
CA GLU A 54 -8.91 3.93 -2.48
C GLU A 54 -8.72 2.42 -2.67
N PHE A 55 -8.00 1.79 -1.71
CA PHE A 55 -7.72 0.36 -1.75
C PHE A 55 -9.05 -0.42 -1.69
N ASN A 56 -9.94 0.01 -0.78
CA ASN A 56 -11.26 -0.63 -0.59
C ASN A 56 -12.10 -0.46 -1.87
N GLY A 57 -11.80 0.61 -2.63
CA GLY A 57 -12.41 0.86 -3.92
C GLY A 57 -11.93 -0.10 -5.01
N LEU A 58 -10.59 -0.25 -5.15
CA LEU A 58 -9.99 -1.00 -6.28
C LEU A 58 -9.99 -2.51 -5.98
N HIS A 59 -10.28 -2.88 -4.73
CA HIS A 59 -10.30 -4.28 -4.27
C HIS A 59 -11.77 -4.79 -4.13
N MET A 60 -12.72 -3.85 -3.91
CA MET A 60 -14.17 -4.19 -3.81
C MET A 60 -14.98 -3.31 -4.79
N SER A 61 -15.28 -2.05 -4.39
CA SER A 61 -16.12 -1.11 -5.16
C SER A 61 -16.00 0.29 -4.53
N LYS A 62 -15.60 1.31 -5.33
CA LYS A 62 -15.33 2.65 -4.81
C LYS A 62 -16.63 3.49 -4.72
N ASP A 63 -17.12 3.67 -3.50
CA ASP A 63 -18.13 4.69 -3.17
C ASP A 63 -17.37 5.97 -2.76
N LYS A 64 -17.64 7.08 -3.48
CA LYS A 64 -16.94 8.37 -3.34
C LYS A 64 -15.39 8.20 -3.53
N GLY A 1 12.43 16.13 0.77
CA GLY A 1 12.50 14.69 1.14
C GLY A 1 11.14 14.15 1.55
N ALA A 2 11.15 13.03 2.30
CA ALA A 2 9.92 12.37 2.77
C ALA A 2 10.09 11.88 4.22
N SER A 3 9.13 11.05 4.68
CA SER A 3 9.11 10.49 6.05
C SER A 3 10.31 9.56 6.33
N GLY A 4 10.88 8.97 5.26
CA GLY A 4 12.05 8.11 5.38
C GLY A 4 12.05 7.04 4.31
N ASP A 5 11.65 5.81 4.67
CA ASP A 5 11.56 4.66 3.73
C ASP A 5 10.18 4.64 3.05
N LEU A 6 9.73 5.83 2.62
CA LEU A 6 8.49 6.03 1.86
C LEU A 6 8.75 7.18 0.87
N TYR A 7 9.36 6.84 -0.27
CA TYR A 7 9.70 7.83 -1.33
C TYR A 7 8.44 8.47 -1.89
N GLU A 8 7.74 7.70 -2.73
CA GLU A 8 6.42 8.05 -3.26
C GLU A 8 5.77 6.75 -3.68
N VAL A 9 4.55 6.51 -3.21
CA VAL A 9 3.77 5.32 -3.60
C VAL A 9 2.92 5.64 -4.83
N GLU A 10 2.78 4.66 -5.75
CA GLU A 10 1.84 4.75 -6.87
C GLU A 10 0.43 4.62 -6.30
N ARG A 11 0.21 3.49 -5.59
CA ARG A 11 -1.05 3.18 -4.89
C ARG A 11 -0.95 1.79 -4.25
N ILE A 12 -2.00 1.41 -3.50
CA ILE A 12 -2.10 0.08 -2.91
C ILE A 12 -2.56 -0.93 -3.97
N VAL A 13 -1.78 -2.00 -4.10
CA VAL A 13 -2.07 -3.16 -4.96
C VAL A 13 -3.17 -4.03 -4.31
N ASP A 14 -2.91 -4.41 -3.05
CA ASP A 14 -3.67 -5.46 -2.34
C ASP A 14 -3.33 -5.36 -0.83
N LYS A 15 -3.85 -6.26 0.01
CA LYS A 15 -3.43 -6.39 1.42
C LYS A 15 -3.29 -7.87 1.76
N ARG A 16 -2.42 -8.17 2.73
CA ARG A 16 -2.17 -9.54 3.19
C ARG A 16 -1.72 -9.51 4.66
N LYS A 17 -1.67 -10.70 5.28
CA LYS A 17 -1.23 -10.85 6.68
C LYS A 17 0.22 -11.38 6.71
N ASN A 18 1.09 -10.69 7.46
CA ASN A 18 2.51 -11.08 7.67
C ASN A 18 2.60 -12.52 8.23
N LYS A 19 3.80 -13.15 8.12
CA LYS A 19 4.03 -14.53 8.65
C LYS A 19 3.79 -14.60 10.17
N LYS A 20 4.00 -13.47 10.86
CA LYS A 20 3.75 -13.31 12.30
C LYS A 20 2.25 -13.03 12.57
N GLY A 21 1.54 -12.58 11.54
CA GLY A 21 0.10 -12.30 11.61
C GLY A 21 -0.20 -10.83 11.84
N LYS A 22 0.65 -9.96 11.28
CA LYS A 22 0.53 -8.49 11.38
C LYS A 22 -0.14 -7.90 10.14
N TRP A 23 -0.75 -6.72 10.31
CA TRP A 23 -1.46 -5.99 9.24
C TRP A 23 -0.45 -5.51 8.18
N GLU A 24 -0.57 -6.01 6.93
CA GLU A 24 0.26 -5.53 5.80
C GLU A 24 -0.61 -5.14 4.60
N TYR A 25 -0.04 -4.32 3.73
CA TYR A 25 -0.65 -3.88 2.49
C TYR A 25 0.39 -4.02 1.38
N LEU A 26 0.03 -4.71 0.31
CA LEU A 26 0.85 -4.81 -0.89
C LEU A 26 0.79 -3.45 -1.61
N ILE A 27 1.96 -2.80 -1.78
CA ILE A 27 2.07 -1.45 -2.36
C ILE A 27 3.06 -1.44 -3.54
N ARG A 28 2.69 -0.82 -4.66
CA ARG A 28 3.65 -0.47 -5.72
C ARG A 28 3.98 1.03 -5.60
N TRP A 29 5.26 1.38 -5.75
CA TRP A 29 5.76 2.75 -5.54
C TRP A 29 5.95 3.44 -6.90
N LYS A 30 5.73 4.76 -6.89
CA LYS A 30 5.70 5.59 -8.12
C LYS A 30 7.15 5.83 -8.58
N GLY A 31 7.39 5.69 -9.90
CA GLY A 31 8.72 5.77 -10.49
C GLY A 31 9.38 4.40 -10.62
N TYR A 32 8.82 3.41 -9.90
CA TYR A 32 9.30 2.02 -9.90
C TYR A 32 8.30 1.11 -10.65
N GLY A 33 7.00 1.45 -10.54
CA GLY A 33 5.94 0.72 -11.25
C GLY A 33 5.41 -0.48 -10.49
N SER A 34 4.66 -1.33 -11.20
CA SER A 34 4.06 -2.56 -10.65
C SER A 34 5.15 -3.61 -10.30
N THR A 35 6.34 -3.48 -10.90
CA THR A 35 7.48 -4.41 -10.65
C THR A 35 8.13 -4.18 -9.26
N GLU A 36 7.76 -3.05 -8.60
CA GLU A 36 8.17 -2.75 -7.22
C GLU A 36 7.41 -3.63 -6.21
N ASP A 37 6.13 -3.91 -6.55
CA ASP A 37 5.06 -4.33 -5.62
C ASP A 37 5.57 -5.16 -4.40
N THR A 38 5.52 -4.53 -3.23
CA THR A 38 6.06 -5.09 -1.98
C THR A 38 5.05 -4.87 -0.83
N TRP A 39 4.94 -5.86 0.05
CA TRP A 39 3.94 -5.89 1.14
C TRP A 39 4.45 -5.09 2.35
N GLU A 40 4.19 -3.78 2.34
CA GLU A 40 4.61 -2.85 3.39
C GLU A 40 3.58 -2.89 4.54
N PRO A 41 4.02 -3.14 5.80
CA PRO A 41 3.11 -3.21 6.96
C PRO A 41 2.33 -1.90 7.17
N GLU A 42 1.13 -2.00 7.75
CA GLU A 42 0.24 -0.86 7.98
C GLU A 42 0.93 0.23 8.83
N HIS A 43 1.67 -0.22 9.87
CA HIS A 43 2.44 0.66 10.77
C HIS A 43 3.55 1.45 10.01
N HIS A 44 3.88 1.00 8.78
CA HIS A 44 4.92 1.62 7.93
C HIS A 44 4.36 2.27 6.64
N LEU A 45 3.19 1.81 6.12
CA LEU A 45 2.85 2.05 4.67
C LEU A 45 2.70 3.56 4.35
N LEU A 46 2.04 4.28 5.27
CA LEU A 46 1.72 5.73 5.19
C LEU A 46 0.90 6.08 6.45
N HIS A 47 0.86 7.38 6.80
CA HIS A 47 -0.04 7.91 7.85
C HIS A 47 -1.43 8.23 7.23
N CYS A 48 -1.46 8.40 5.90
CA CYS A 48 -2.64 8.77 5.13
C CYS A 48 -3.53 7.54 4.95
N GLU A 49 -4.59 7.46 5.76
CA GLU A 49 -5.62 6.40 5.68
C GLU A 49 -6.42 6.51 4.35
N GLU A 50 -6.27 7.67 3.68
CA GLU A 50 -6.87 7.98 2.37
C GLU A 50 -6.57 6.87 1.34
N PHE A 51 -5.30 6.45 1.33
CA PHE A 51 -4.80 5.40 0.41
C PHE A 51 -5.44 4.04 0.74
N ILE A 52 -5.62 3.76 2.04
CA ILE A 52 -6.32 2.55 2.51
C ILE A 52 -7.78 2.60 2.00
N ASP A 53 -8.37 3.82 1.99
CA ASP A 53 -9.74 4.04 1.51
C ASP A 53 -9.82 3.76 0.00
N GLU A 54 -8.79 4.22 -0.77
CA GLU A 54 -8.79 4.07 -2.24
C GLU A 54 -8.62 2.60 -2.58
N PHE A 55 -7.95 1.85 -1.68
CA PHE A 55 -7.78 0.40 -1.82
C PHE A 55 -9.15 -0.29 -1.76
N ASN A 56 -9.96 0.14 -0.78
CA ASN A 56 -11.31 -0.42 -0.55
C ASN A 56 -12.24 -0.07 -1.74
N GLY A 57 -11.83 0.92 -2.57
CA GLY A 57 -12.51 1.24 -3.82
C GLY A 57 -11.96 0.50 -5.04
N LEU A 58 -10.61 0.37 -5.13
CA LEU A 58 -9.93 -0.05 -6.39
C LEU A 58 -9.97 -1.57 -6.57
N HIS A 59 -9.99 -2.28 -5.42
CA HIS A 59 -9.94 -3.75 -5.38
C HIS A 59 -11.28 -4.35 -5.90
N MET A 60 -12.35 -3.52 -5.83
CA MET A 60 -13.72 -3.88 -6.31
C MET A 60 -14.29 -5.06 -5.51
N SER A 61 -13.90 -5.10 -4.22
CA SER A 61 -14.34 -6.12 -3.25
C SER A 61 -15.87 -6.04 -3.04
N LYS A 62 -16.40 -4.83 -3.17
CA LYS A 62 -17.85 -4.56 -3.17
C LYS A 62 -18.25 -4.10 -4.58
N ASP A 63 -19.29 -4.71 -5.13
CA ASP A 63 -19.79 -4.43 -6.49
C ASP A 63 -20.93 -3.38 -6.49
N LYS A 64 -21.42 -3.01 -5.29
CA LYS A 64 -22.54 -2.06 -5.13
C LYS A 64 -22.10 -0.61 -5.49
N GLY A 1 9.14 17.44 0.55
CA GLY A 1 8.56 16.20 1.12
C GLY A 1 9.57 15.47 1.99
N ALA A 2 9.08 14.54 2.82
CA ALA A 2 9.90 13.71 3.72
C ALA A 2 9.59 12.23 3.45
N SER A 3 10.42 11.59 2.60
CA SER A 3 10.21 10.21 2.16
C SER A 3 10.54 9.21 3.28
N GLY A 4 11.85 9.11 3.62
CA GLY A 4 12.35 8.11 4.58
C GLY A 4 12.22 6.70 4.03
N ASP A 5 11.33 5.89 4.65
CA ASP A 5 11.00 4.53 4.18
C ASP A 5 9.98 4.60 3.05
N LEU A 6 9.04 5.56 3.18
CA LEU A 6 7.89 5.71 2.30
C LEU A 6 8.19 6.79 1.29
N TYR A 7 8.83 6.38 0.22
CA TYR A 7 9.08 7.22 -0.96
C TYR A 7 7.76 7.66 -1.65
N GLU A 8 7.87 8.14 -2.89
CA GLU A 8 6.73 8.67 -3.64
C GLU A 8 5.90 7.47 -4.10
N VAL A 9 4.93 7.09 -3.26
CA VAL A 9 4.06 5.95 -3.50
C VAL A 9 3.15 6.23 -4.71
N GLU A 10 2.95 5.22 -5.56
CA GLU A 10 1.90 5.26 -6.57
C GLU A 10 0.56 5.11 -5.86
N ARG A 11 0.40 3.97 -5.14
CA ARG A 11 -0.84 3.62 -4.43
C ARG A 11 -0.72 2.21 -3.82
N ILE A 12 -1.80 1.77 -3.13
CA ILE A 12 -1.89 0.39 -2.64
C ILE A 12 -2.38 -0.52 -3.78
N VAL A 13 -1.71 -1.67 -3.89
CA VAL A 13 -2.00 -2.73 -4.86
C VAL A 13 -2.97 -3.75 -4.22
N ASP A 14 -2.59 -4.21 -3.03
CA ASP A 14 -3.22 -5.37 -2.36
C ASP A 14 -2.85 -5.33 -0.86
N LYS A 15 -3.34 -6.30 -0.09
CA LYS A 15 -2.94 -6.52 1.30
C LYS A 15 -2.79 -8.03 1.54
N ARG A 16 -2.29 -8.39 2.73
CA ARG A 16 -2.16 -9.78 3.18
C ARG A 16 -1.82 -9.81 4.68
N LYS A 17 -1.83 -11.03 5.25
CA LYS A 17 -1.39 -11.27 6.63
C LYS A 17 0.09 -11.69 6.59
N ASN A 18 0.97 -10.88 7.21
CA ASN A 18 2.41 -11.18 7.37
C ASN A 18 2.60 -12.56 8.06
N LYS A 19 3.80 -13.15 7.95
CA LYS A 19 4.14 -14.47 8.53
C LYS A 19 3.95 -14.50 10.07
N LYS A 20 4.02 -13.31 10.69
CA LYS A 20 3.80 -13.11 12.13
C LYS A 20 2.32 -12.74 12.43
N GLY A 21 1.43 -13.05 11.46
CA GLY A 21 -0.01 -12.82 11.54
C GLY A 21 -0.41 -11.36 11.71
N LYS A 22 0.38 -10.45 11.12
CA LYS A 22 0.15 -8.99 11.23
C LYS A 22 -0.49 -8.45 9.97
N TRP A 23 -1.21 -7.33 10.10
CA TRP A 23 -1.77 -6.60 8.97
C TRP A 23 -0.62 -6.03 8.11
N GLU A 24 -0.69 -6.26 6.80
CA GLU A 24 0.36 -5.83 5.87
C GLU A 24 -0.27 -5.50 4.50
N TYR A 25 0.37 -4.62 3.73
CA TYR A 25 -0.16 -4.07 2.48
C TYR A 25 0.91 -4.08 1.37
N LEU A 26 0.53 -4.60 0.19
CA LEU A 26 1.34 -4.56 -1.02
C LEU A 26 1.26 -3.15 -1.62
N ILE A 27 2.36 -2.39 -1.55
CA ILE A 27 2.44 -0.99 -2.05
C ILE A 27 3.49 -0.89 -3.16
N ARG A 28 3.19 -0.13 -4.23
CA ARG A 28 4.16 0.21 -5.30
C ARG A 28 4.40 1.72 -5.28
N TRP A 29 5.65 2.13 -5.54
CA TRP A 29 6.07 3.54 -5.61
C TRP A 29 6.09 4.01 -7.07
N LYS A 30 5.62 5.25 -7.29
CA LYS A 30 5.36 5.85 -8.62
C LYS A 30 6.59 5.73 -9.57
N GLY A 31 6.31 5.38 -10.85
CA GLY A 31 7.36 5.14 -11.85
C GLY A 31 7.73 3.67 -11.95
N TYR A 32 7.59 2.95 -10.83
CA TYR A 32 7.87 1.52 -10.71
C TYR A 32 6.55 0.80 -10.35
N GLY A 33 5.94 0.14 -11.34
CA GLY A 33 4.61 -0.44 -11.17
C GLY A 33 4.62 -1.82 -10.51
N SER A 34 4.27 -2.85 -11.31
CA SER A 34 4.24 -4.25 -10.89
C SER A 34 5.60 -4.70 -10.32
N THR A 35 6.66 -4.28 -11.01
CA THR A 35 8.04 -4.68 -10.69
C THR A 35 8.52 -4.17 -9.30
N GLU A 36 7.77 -3.22 -8.70
CA GLU A 36 8.11 -2.63 -7.39
C GLU A 36 7.35 -3.30 -6.24
N ASP A 37 6.04 -3.59 -6.46
CA ASP A 37 5.07 -3.75 -5.34
C ASP A 37 5.56 -4.74 -4.26
N THR A 38 5.71 -4.21 -3.05
CA THR A 38 6.38 -4.87 -1.93
C THR A 38 5.54 -4.73 -0.65
N TRP A 39 5.72 -5.66 0.28
CA TRP A 39 4.85 -5.79 1.47
C TRP A 39 5.31 -4.87 2.60
N GLU A 40 4.67 -3.69 2.67
CA GLU A 40 4.90 -2.68 3.72
C GLU A 40 3.90 -2.93 4.88
N PRO A 41 4.36 -2.92 6.18
CA PRO A 41 3.48 -3.22 7.34
C PRO A 41 2.40 -2.14 7.52
N GLU A 42 1.21 -2.56 8.02
CA GLU A 42 0.01 -1.68 8.11
C GLU A 42 0.26 -0.42 8.93
N HIS A 43 0.86 -0.55 10.11
CA HIS A 43 1.06 0.61 11.02
C HIS A 43 2.10 1.61 10.45
N HIS A 44 2.81 1.19 9.37
CA HIS A 44 3.84 2.01 8.71
C HIS A 44 3.62 2.10 7.19
N LEU A 45 2.41 1.73 6.69
CA LEU A 45 2.17 1.60 5.22
C LEU A 45 2.20 2.99 4.53
N LEU A 46 1.55 3.97 5.18
CA LEU A 46 1.34 5.34 4.67
C LEU A 46 1.21 6.31 5.85
N HIS A 47 1.29 7.62 5.55
CA HIS A 47 1.15 8.70 6.55
C HIS A 47 -0.33 9.14 6.67
N CYS A 48 -1.19 8.67 5.74
CA CYS A 48 -2.61 9.06 5.69
C CYS A 48 -3.50 7.87 5.34
N GLU A 49 -4.75 7.90 5.87
CA GLU A 49 -5.77 6.85 5.66
C GLU A 49 -6.34 6.87 4.22
N GLU A 50 -6.07 7.97 3.49
CA GLU A 50 -6.62 8.22 2.12
C GLU A 50 -6.34 7.05 1.18
N PHE A 51 -5.09 6.58 1.23
CA PHE A 51 -4.62 5.46 0.40
C PHE A 51 -5.31 4.14 0.79
N ILE A 52 -5.57 3.96 2.09
CA ILE A 52 -6.31 2.78 2.61
C ILE A 52 -7.75 2.82 2.07
N ASP A 53 -8.29 4.04 2.01
CA ASP A 53 -9.64 4.32 1.52
C ASP A 53 -9.72 3.96 0.02
N GLU A 54 -8.67 4.36 -0.73
CA GLU A 54 -8.66 4.17 -2.18
C GLU A 54 -8.51 2.68 -2.50
N PHE A 55 -7.82 1.95 -1.57
CA PHE A 55 -7.60 0.51 -1.68
C PHE A 55 -8.96 -0.22 -1.71
N ASN A 56 -9.86 0.20 -0.80
CA ASN A 56 -11.22 -0.37 -0.69
C ASN A 56 -11.98 -0.17 -2.02
N GLY A 57 -11.71 0.97 -2.68
CA GLY A 57 -12.31 1.29 -3.96
C GLY A 57 -11.69 0.56 -5.15
N LEU A 58 -10.35 0.40 -5.16
CA LEU A 58 -9.60 -0.04 -6.38
C LEU A 58 -9.49 -1.57 -6.45
N HIS A 59 -9.65 -2.25 -5.31
CA HIS A 59 -9.42 -3.70 -5.22
C HIS A 59 -10.72 -4.49 -5.44
N MET A 60 -11.87 -3.79 -5.33
CA MET A 60 -13.19 -4.37 -5.59
C MET A 60 -13.69 -3.91 -6.96
N SER A 61 -13.66 -2.58 -7.18
CA SER A 61 -14.03 -1.94 -8.46
C SER A 61 -12.77 -1.48 -9.21
N LYS A 62 -12.86 -1.30 -10.54
CA LYS A 62 -11.73 -0.77 -11.34
C LYS A 62 -11.50 0.73 -11.03
N ASP A 63 -12.58 1.41 -10.63
CA ASP A 63 -12.58 2.85 -10.33
C ASP A 63 -12.98 3.08 -8.87
N LYS A 64 -12.34 4.05 -8.22
CA LYS A 64 -12.61 4.38 -6.82
C LYS A 64 -13.82 5.35 -6.75
N GLY A 1 10.72 14.22 -4.81
CA GLY A 1 10.84 14.55 -3.36
C GLY A 1 10.61 13.32 -2.49
N ALA A 2 11.71 12.77 -1.95
CA ALA A 2 11.70 11.58 -1.09
C ALA A 2 12.91 11.60 -0.13
N SER A 3 12.71 11.19 1.13
CA SER A 3 13.79 11.14 2.14
C SER A 3 13.41 10.20 3.31
N GLY A 4 12.62 9.14 3.00
CA GLY A 4 12.19 8.16 3.99
C GLY A 4 12.14 6.75 3.43
N ASP A 5 11.67 5.79 4.25
CA ASP A 5 11.46 4.39 3.85
C ASP A 5 10.29 4.29 2.85
N LEU A 6 9.34 5.21 3.01
CA LEU A 6 8.25 5.45 2.09
C LEU A 6 8.70 6.55 1.14
N TYR A 7 9.53 6.14 0.16
CA TYR A 7 10.08 7.03 -0.87
C TYR A 7 8.98 7.88 -1.52
N GLU A 8 8.17 7.25 -2.38
CA GLU A 8 6.92 7.83 -2.87
C GLU A 8 6.04 6.70 -3.36
N VAL A 9 4.98 6.40 -2.60
CA VAL A 9 4.01 5.39 -3.00
C VAL A 9 3.18 5.92 -4.18
N GLU A 10 3.03 5.10 -5.22
CA GLU A 10 2.10 5.39 -6.32
C GLU A 10 0.67 5.20 -5.78
N ARG A 11 0.42 4.03 -5.16
CA ARG A 11 -0.89 3.66 -4.56
C ARG A 11 -0.79 2.27 -3.93
N ILE A 12 -1.91 1.76 -3.37
CA ILE A 12 -1.97 0.41 -2.84
C ILE A 12 -2.42 -0.56 -3.94
N VAL A 13 -1.74 -1.71 -4.01
CA VAL A 13 -2.07 -2.83 -4.89
C VAL A 13 -3.10 -3.75 -4.19
N ASP A 14 -2.72 -4.23 -3.00
CA ASP A 14 -3.39 -5.34 -2.29
C ASP A 14 -3.00 -5.29 -0.79
N LYS A 15 -3.40 -6.30 0.00
CA LYS A 15 -2.94 -6.44 1.40
C LYS A 15 -2.89 -7.93 1.77
N ARG A 16 -2.18 -8.27 2.87
CA ARG A 16 -2.07 -9.67 3.32
C ARG A 16 -1.56 -9.71 4.78
N LYS A 17 -1.58 -10.92 5.35
CA LYS A 17 -1.06 -11.20 6.70
C LYS A 17 0.33 -11.85 6.57
N ASN A 18 1.36 -11.24 7.19
CA ASN A 18 2.75 -11.77 7.21
C ASN A 18 2.81 -13.20 7.82
N LYS A 19 3.95 -13.90 7.68
CA LYS A 19 4.17 -15.24 8.29
C LYS A 19 4.01 -15.21 9.83
N LYS A 20 4.28 -14.03 10.44
CA LYS A 20 4.12 -13.78 11.89
C LYS A 20 2.76 -13.09 12.21
N GLY A 21 1.83 -13.19 11.24
CA GLY A 21 0.47 -12.67 11.37
C GLY A 21 0.40 -11.15 11.54
N LYS A 22 1.32 -10.43 10.89
CA LYS A 22 1.35 -8.96 10.93
C LYS A 22 0.48 -8.37 9.82
N TRP A 23 -0.13 -7.21 10.11
CA TRP A 23 -0.88 -6.42 9.14
C TRP A 23 0.10 -5.83 8.11
N GLU A 24 0.01 -6.28 6.84
CA GLU A 24 0.80 -5.73 5.73
C GLU A 24 -0.12 -5.35 4.57
N TYR A 25 0.34 -4.39 3.77
CA TYR A 25 -0.32 -3.97 2.53
C TYR A 25 0.70 -4.06 1.39
N LEU A 26 0.29 -4.71 0.28
CA LEU A 26 1.07 -4.76 -0.95
C LEU A 26 0.94 -3.38 -1.63
N ILE A 27 2.00 -2.58 -1.55
CA ILE A 27 2.05 -1.21 -2.10
C ILE A 27 2.95 -1.19 -3.35
N ARG A 28 2.65 -0.26 -4.26
CA ARG A 28 3.49 0.05 -5.43
C ARG A 28 4.03 1.48 -5.28
N TRP A 29 5.30 1.70 -5.66
CA TRP A 29 5.96 3.01 -5.61
C TRP A 29 6.10 3.59 -7.04
N LYS A 30 6.20 4.92 -7.11
CA LYS A 30 6.40 5.65 -8.36
C LYS A 30 7.77 5.30 -8.95
N GLY A 31 7.82 5.12 -10.29
CA GLY A 31 9.04 4.73 -10.99
C GLY A 31 9.01 3.29 -11.46
N TYR A 32 8.27 2.41 -10.73
CA TYR A 32 8.20 0.96 -11.06
C TYR A 32 6.75 0.48 -11.19
N GLY A 33 5.88 1.00 -10.32
CA GLY A 33 4.45 0.67 -10.34
C GLY A 33 4.19 -0.79 -9.98
N SER A 34 3.62 -1.54 -10.94
CA SER A 34 3.18 -2.94 -10.73
C SER A 34 4.35 -3.84 -10.26
N THR A 35 5.52 -3.70 -10.92
CA THR A 35 6.70 -4.54 -10.68
C THR A 35 7.42 -4.17 -9.34
N GLU A 36 6.95 -3.11 -8.68
CA GLU A 36 7.48 -2.66 -7.37
C GLU A 36 6.89 -3.47 -6.21
N ASP A 37 5.64 -3.97 -6.42
CA ASP A 37 4.73 -4.50 -5.36
C ASP A 37 5.47 -5.15 -4.16
N THR A 38 5.37 -4.47 -3.00
CA THR A 38 6.15 -4.78 -1.79
C THR A 38 5.23 -4.72 -0.55
N TRP A 39 5.46 -5.61 0.41
CA TRP A 39 4.62 -5.68 1.63
C TRP A 39 5.15 -4.69 2.68
N GLU A 40 4.49 -3.51 2.77
CA GLU A 40 4.81 -2.49 3.78
C GLU A 40 3.84 -2.62 4.98
N PRO A 41 4.36 -2.50 6.25
CA PRO A 41 3.53 -2.65 7.48
C PRO A 41 2.39 -1.61 7.55
N GLU A 42 1.20 -2.05 7.95
CA GLU A 42 -0.02 -1.22 7.98
C GLU A 42 0.15 -0.02 8.94
N HIS A 43 0.75 -0.25 10.11
CA HIS A 43 0.95 0.81 11.13
C HIS A 43 1.93 1.90 10.63
N HIS A 44 2.67 1.59 9.53
CA HIS A 44 3.69 2.48 8.96
C HIS A 44 3.49 2.71 7.43
N LEU A 45 2.38 2.19 6.82
CA LEU A 45 2.26 2.13 5.34
C LEU A 45 2.16 3.53 4.71
N LEU A 46 1.39 4.41 5.38
CA LEU A 46 1.04 5.75 4.90
C LEU A 46 0.86 6.68 6.10
N HIS A 47 0.88 7.98 5.82
CA HIS A 47 0.52 9.03 6.78
C HIS A 47 -1.01 9.28 6.72
N CYS A 48 -1.60 8.97 5.55
CA CYS A 48 -3.01 9.28 5.23
C CYS A 48 -3.78 7.99 4.91
N GLU A 49 -4.93 7.81 5.58
CA GLU A 49 -5.86 6.68 5.36
C GLU A 49 -6.58 6.81 3.98
N GLU A 50 -6.44 7.99 3.36
CA GLU A 50 -6.99 8.32 2.02
C GLU A 50 -6.64 7.23 0.98
N PHE A 51 -5.36 6.83 0.99
CA PHE A 51 -4.83 5.78 0.10
C PHE A 51 -5.48 4.42 0.41
N ILE A 52 -5.74 4.15 1.69
CA ILE A 52 -6.40 2.91 2.13
C ILE A 52 -7.85 2.91 1.61
N ASP A 53 -8.47 4.11 1.59
CA ASP A 53 -9.84 4.30 1.08
C ASP A 53 -9.86 3.97 -0.42
N GLU A 54 -8.83 4.45 -1.17
CA GLU A 54 -8.79 4.27 -2.64
C GLU A 54 -8.58 2.78 -2.94
N PHE A 55 -7.87 2.09 -2.02
CA PHE A 55 -7.64 0.63 -2.08
C PHE A 55 -8.99 -0.08 -1.99
N ASN A 56 -9.81 0.34 -1.00
CA ASN A 56 -11.12 -0.26 -0.70
C ASN A 56 -12.08 -0.04 -1.90
N GLY A 57 -11.74 0.93 -2.75
CA GLY A 57 -12.40 1.11 -4.04
C GLY A 57 -11.85 0.16 -5.11
N LEU A 58 -10.53 0.25 -5.38
CA LEU A 58 -9.90 -0.30 -6.62
C LEU A 58 -9.74 -1.83 -6.55
N HIS A 59 -9.74 -2.35 -5.32
CA HIS A 59 -9.53 -3.79 -5.05
C HIS A 59 -10.77 -4.61 -5.49
N MET A 60 -11.97 -4.08 -5.16
CA MET A 60 -13.25 -4.70 -5.55
C MET A 60 -13.78 -4.15 -6.88
N SER A 61 -13.23 -2.99 -7.33
CA SER A 61 -13.61 -2.35 -8.59
C SER A 61 -12.86 -2.97 -9.79
N LYS A 62 -11.57 -3.35 -9.53
CA LYS A 62 -10.55 -3.80 -10.53
C LYS A 62 -10.41 -2.88 -11.77
N ASP A 63 -11.45 -2.88 -12.65
CA ASP A 63 -11.47 -2.05 -13.87
C ASP A 63 -11.53 -0.55 -13.50
N LYS A 64 -10.73 0.26 -14.22
CA LYS A 64 -10.53 1.68 -13.93
C LYS A 64 -11.70 2.52 -14.51
N GLY A 1 13.80 11.89 -0.73
CA GLY A 1 14.66 10.75 -0.28
C GLY A 1 14.87 10.75 1.22
N ALA A 2 15.46 9.63 1.74
CA ALA A 2 15.74 9.41 3.18
C ALA A 2 14.44 9.39 4.01
N SER A 3 13.32 9.08 3.33
CA SER A 3 11.97 9.10 3.91
C SER A 3 11.56 7.71 4.48
N GLY A 4 12.57 6.81 4.59
CA GLY A 4 12.40 5.51 5.26
C GLY A 4 11.55 4.55 4.47
N ASP A 5 10.30 4.36 4.93
CA ASP A 5 9.35 3.41 4.32
C ASP A 5 8.62 4.12 3.18
N LEU A 6 8.24 5.38 3.46
CA LEU A 6 7.29 6.14 2.65
C LEU A 6 8.03 7.08 1.70
N TYR A 7 8.54 6.50 0.61
CA TYR A 7 8.93 7.26 -0.58
C TYR A 7 7.67 7.66 -1.35
N GLU A 8 7.86 8.35 -2.48
CA GLU A 8 6.75 8.79 -3.33
C GLU A 8 6.06 7.56 -3.94
N VAL A 9 4.99 7.13 -3.27
CA VAL A 9 4.21 5.96 -3.68
C VAL A 9 3.34 6.30 -4.91
N GLU A 10 3.15 5.29 -5.76
CA GLU A 10 2.19 5.36 -6.85
C GLU A 10 0.78 5.14 -6.27
N ARG A 11 0.57 3.98 -5.57
CA ARG A 11 -0.72 3.64 -4.90
C ARG A 11 -0.65 2.24 -4.24
N ILE A 12 -1.76 1.81 -3.58
CA ILE A 12 -1.86 0.44 -3.02
C ILE A 12 -2.25 -0.55 -4.14
N VAL A 13 -1.50 -1.65 -4.19
CA VAL A 13 -1.72 -2.79 -5.08
C VAL A 13 -2.75 -3.77 -4.46
N ASP A 14 -2.44 -4.24 -3.25
CA ASP A 14 -3.07 -5.41 -2.63
C ASP A 14 -2.76 -5.41 -1.11
N LYS A 15 -3.18 -6.44 -0.37
CA LYS A 15 -2.79 -6.65 1.04
C LYS A 15 -2.63 -8.17 1.29
N ARG A 16 -2.02 -8.51 2.44
CA ARG A 16 -1.85 -9.91 2.90
C ARG A 16 -1.47 -9.93 4.39
N LYS A 17 -1.32 -11.14 4.95
CA LYS A 17 -0.87 -11.33 6.34
C LYS A 17 0.61 -11.74 6.35
N ASN A 18 1.37 -11.29 7.35
CA ASN A 18 2.80 -11.63 7.48
C ASN A 18 2.92 -12.99 8.22
N LYS A 19 4.16 -13.51 8.32
CA LYS A 19 4.46 -14.84 8.89
C LYS A 19 3.95 -15.02 10.34
N LYS A 20 3.94 -13.92 11.12
CA LYS A 20 3.47 -13.91 12.52
C LYS A 20 1.97 -13.55 12.60
N GLY A 21 1.46 -13.00 11.48
CA GLY A 21 0.05 -12.60 11.37
C GLY A 21 -0.15 -11.10 11.44
N LYS A 22 0.85 -10.35 10.96
CA LYS A 22 0.80 -8.88 10.87
C LYS A 22 -0.01 -8.43 9.65
N TRP A 23 -0.68 -7.27 9.76
CA TRP A 23 -1.41 -6.66 8.64
C TRP A 23 -0.39 -6.02 7.68
N GLU A 24 -0.25 -6.61 6.49
CA GLU A 24 0.65 -6.09 5.45
C GLU A 24 -0.17 -5.55 4.31
N TYR A 25 0.33 -4.51 3.68
CA TYR A 25 -0.30 -3.88 2.51
C TYR A 25 0.74 -3.79 1.41
N LEU A 26 0.43 -4.45 0.29
CA LEU A 26 1.26 -4.46 -0.89
C LEU A 26 1.08 -3.11 -1.60
N ILE A 27 2.08 -2.23 -1.44
CA ILE A 27 2.10 -0.87 -2.01
C ILE A 27 3.12 -0.85 -3.17
N ARG A 28 2.94 0.06 -4.14
CA ARG A 28 3.96 0.32 -5.18
C ARG A 28 4.36 1.80 -5.13
N TRP A 29 5.66 2.08 -5.35
CA TRP A 29 6.20 3.46 -5.41
C TRP A 29 6.78 3.79 -6.80
N LYS A 30 6.78 5.10 -7.13
CA LYS A 30 7.29 5.62 -8.40
C LYS A 30 8.78 5.25 -8.59
N GLY A 31 9.21 5.16 -9.84
CA GLY A 31 10.50 4.56 -10.19
C GLY A 31 10.28 3.16 -10.73
N TYR A 32 9.26 2.48 -10.17
CA TYR A 32 8.76 1.17 -10.65
C TYR A 32 7.23 1.26 -10.74
N GLY A 33 6.61 0.44 -11.60
CA GLY A 33 5.16 0.41 -11.75
C GLY A 33 4.51 -0.59 -10.80
N SER A 34 3.54 -1.37 -11.34
CA SER A 34 2.90 -2.48 -10.60
C SER A 34 3.96 -3.56 -10.24
N THR A 35 5.00 -3.65 -11.10
CA THR A 35 6.13 -4.59 -10.95
C THR A 35 6.91 -4.43 -9.61
N GLU A 36 6.75 -3.27 -8.95
CA GLU A 36 7.38 -3.03 -7.63
C GLU A 36 6.71 -3.93 -6.58
N ASP A 37 5.38 -3.74 -6.47
CA ASP A 37 4.53 -4.23 -5.36
C ASP A 37 5.30 -4.80 -4.13
N THR A 38 5.64 -3.89 -3.22
CA THR A 38 6.41 -4.16 -2.00
C THR A 38 5.46 -4.25 -0.79
N TRP A 39 5.76 -5.13 0.17
CA TRP A 39 4.87 -5.39 1.33
C TRP A 39 5.26 -4.47 2.51
N GLU A 40 4.57 -3.32 2.61
CA GLU A 40 4.79 -2.35 3.71
C GLU A 40 3.82 -2.67 4.87
N PRO A 41 4.27 -2.57 6.15
CA PRO A 41 3.43 -2.95 7.32
C PRO A 41 2.34 -1.91 7.58
N GLU A 42 1.24 -2.32 8.24
CA GLU A 42 0.03 -1.49 8.44
C GLU A 42 0.33 -0.11 9.03
N HIS A 43 1.05 -0.06 10.16
CA HIS A 43 1.31 1.22 10.87
C HIS A 43 2.27 2.13 10.07
N HIS A 44 3.00 1.57 9.09
CA HIS A 44 3.96 2.32 8.25
C HIS A 44 3.67 2.12 6.75
N LEU A 45 2.40 1.77 6.38
CA LEU A 45 2.03 1.55 4.95
C LEU A 45 1.95 2.91 4.23
N LEU A 46 1.47 3.92 4.98
CA LEU A 46 1.20 5.28 4.52
C LEU A 46 0.73 6.12 5.73
N HIS A 47 1.07 7.42 5.74
CA HIS A 47 0.60 8.38 6.76
C HIS A 47 -0.80 8.93 6.38
N CYS A 48 -1.22 8.67 5.13
CA CYS A 48 -2.48 9.13 4.57
C CYS A 48 -3.46 7.95 4.47
N GLU A 49 -4.59 8.06 5.19
CA GLU A 49 -5.69 7.06 5.16
C GLU A 49 -6.40 7.07 3.78
N GLU A 50 -6.09 8.11 2.96
CA GLU A 50 -6.60 8.28 1.58
C GLU A 50 -6.39 7.00 0.75
N PHE A 51 -5.15 6.51 0.75
CA PHE A 51 -4.73 5.32 -0.02
C PHE A 51 -5.46 4.06 0.49
N ILE A 52 -5.66 3.95 1.82
CA ILE A 52 -6.40 2.81 2.44
C ILE A 52 -7.85 2.82 1.93
N ASP A 53 -8.43 4.04 1.83
CA ASP A 53 -9.79 4.26 1.34
C ASP A 53 -9.87 3.84 -0.13
N GLU A 54 -8.79 4.18 -0.89
CA GLU A 54 -8.68 3.89 -2.31
C GLU A 54 -8.59 2.39 -2.54
N PHE A 55 -7.95 1.69 -1.59
CA PHE A 55 -7.78 0.24 -1.64
C PHE A 55 -9.18 -0.44 -1.60
N ASN A 56 -10.06 0.07 -0.71
CA ASN A 56 -11.45 -0.44 -0.59
C ASN A 56 -12.29 -0.03 -1.82
N GLY A 57 -11.79 0.97 -2.57
CA GLY A 57 -12.38 1.35 -3.86
C GLY A 57 -11.94 0.44 -5.02
N LEU A 58 -10.62 0.08 -5.08
CA LEU A 58 -10.04 -0.62 -6.26
C LEU A 58 -10.00 -2.15 -6.09
N HIS A 59 -10.14 -2.65 -4.85
CA HIS A 59 -9.94 -4.08 -4.52
C HIS A 59 -11.19 -4.67 -3.82
N MET A 60 -12.20 -3.82 -3.58
CA MET A 60 -13.48 -4.21 -2.96
C MET A 60 -14.64 -3.66 -3.80
N SER A 61 -15.66 -4.49 -4.04
CA SER A 61 -16.88 -4.10 -4.76
C SER A 61 -17.87 -3.46 -3.77
N LYS A 62 -18.30 -2.20 -4.07
CA LYS A 62 -19.29 -1.42 -3.30
C LYS A 62 -18.73 -1.00 -1.91
N ASP A 63 -18.66 0.32 -1.68
CA ASP A 63 -18.14 0.91 -0.42
C ASP A 63 -19.29 1.07 0.60
N LYS A 64 -20.11 0.00 0.75
CA LYS A 64 -21.25 -0.03 1.68
C LYS A 64 -21.14 -1.32 2.52
N GLY A 1 10.07 14.84 -4.79
CA GLY A 1 10.91 14.44 -3.63
C GLY A 1 10.31 13.28 -2.86
N ALA A 2 11.12 12.69 -1.96
CA ALA A 2 10.72 11.53 -1.13
C ALA A 2 10.24 11.98 0.26
N SER A 3 9.16 11.34 0.78
CA SER A 3 8.67 11.55 2.14
C SER A 3 9.47 10.62 3.10
N GLY A 4 10.79 10.89 3.18
CA GLY A 4 11.72 10.06 3.95
C GLY A 4 11.90 8.68 3.32
N ASP A 5 11.54 7.62 4.07
CA ASP A 5 11.63 6.21 3.60
C ASP A 5 10.34 5.78 2.91
N LEU A 6 9.27 6.56 3.10
CA LEU A 6 8.00 6.42 2.39
C LEU A 6 8.06 7.33 1.16
N TYR A 7 8.98 6.92 0.27
CA TYR A 7 9.45 7.69 -0.90
C TYR A 7 8.33 8.44 -1.65
N GLU A 8 7.63 7.72 -2.51
CA GLU A 8 6.47 8.22 -3.24
C GLU A 8 5.71 6.99 -3.68
N VAL A 9 4.44 6.84 -3.27
CA VAL A 9 3.63 5.68 -3.63
C VAL A 9 2.82 5.96 -4.90
N GLU A 10 2.76 4.95 -5.77
CA GLU A 10 1.81 4.93 -6.89
C GLU A 10 0.42 4.70 -6.30
N ARG A 11 0.27 3.60 -5.53
CA ARG A 11 -1.01 3.23 -4.89
C ARG A 11 -0.86 1.93 -4.08
N ILE A 12 -1.94 1.52 -3.40
CA ILE A 12 -2.03 0.19 -2.80
C ILE A 12 -2.45 -0.82 -3.88
N VAL A 13 -1.62 -1.85 -4.05
CA VAL A 13 -1.89 -2.97 -4.96
C VAL A 13 -2.98 -3.87 -4.34
N ASP A 14 -2.70 -4.33 -3.10
CA ASP A 14 -3.47 -5.40 -2.45
C ASP A 14 -3.14 -5.38 -0.93
N LYS A 15 -3.66 -6.35 -0.18
CA LYS A 15 -3.26 -6.59 1.23
C LYS A 15 -3.02 -8.09 1.42
N ARG A 16 -2.38 -8.44 2.54
CA ARG A 16 -2.12 -9.84 2.92
C ARG A 16 -1.76 -9.92 4.40
N LYS A 17 -1.50 -11.13 4.88
CA LYS A 17 -1.07 -11.36 6.27
C LYS A 17 0.39 -11.86 6.27
N ASN A 18 1.22 -11.32 7.16
CA ASN A 18 2.60 -11.82 7.43
C ASN A 18 2.51 -13.27 7.98
N LYS A 19 3.62 -14.03 7.95
CA LYS A 19 3.72 -15.37 8.60
C LYS A 19 3.48 -15.23 10.13
N LYS A 20 3.81 -14.03 10.63
CA LYS A 20 3.56 -13.58 12.02
C LYS A 20 2.08 -13.18 12.27
N GLY A 21 1.21 -13.38 11.25
CA GLY A 21 -0.20 -13.01 11.31
C GLY A 21 -0.41 -11.52 11.51
N LYS A 22 0.48 -10.71 10.91
CA LYS A 22 0.46 -9.24 11.01
C LYS A 22 -0.23 -8.61 9.79
N TRP A 23 -0.76 -7.38 9.96
CA TRP A 23 -1.42 -6.63 8.89
C TRP A 23 -0.38 -6.11 7.87
N GLU A 24 -0.45 -6.64 6.64
CA GLU A 24 0.44 -6.25 5.53
C GLU A 24 -0.39 -5.64 4.40
N TYR A 25 0.21 -4.73 3.66
CA TYR A 25 -0.38 -4.12 2.45
C TYR A 25 0.65 -4.19 1.33
N LEU A 26 0.27 -4.81 0.22
CA LEU A 26 1.08 -4.81 -1.00
C LEU A 26 0.95 -3.41 -1.63
N ILE A 27 2.03 -2.63 -1.58
CA ILE A 27 2.09 -1.26 -2.12
C ILE A 27 3.09 -1.25 -3.28
N ARG A 28 2.89 -0.33 -4.22
CA ARG A 28 3.87 -0.05 -5.28
C ARG A 28 4.26 1.45 -5.20
N TRP A 29 5.58 1.71 -5.19
CA TRP A 29 6.12 3.07 -5.24
C TRP A 29 5.99 3.61 -6.67
N LYS A 30 5.74 4.92 -6.80
CA LYS A 30 5.56 5.56 -8.10
C LYS A 30 6.92 5.70 -8.80
N GLY A 31 6.95 5.38 -10.10
CA GLY A 31 8.20 5.30 -10.87
C GLY A 31 8.84 3.92 -10.81
N TYR A 32 8.19 3.00 -10.08
CA TYR A 32 8.61 1.60 -9.97
C TYR A 32 7.43 0.71 -10.39
N GLY A 33 6.34 0.83 -9.63
CA GLY A 33 5.05 0.26 -9.98
C GLY A 33 4.98 -1.25 -9.81
N SER A 34 4.59 -1.94 -10.89
CA SER A 34 4.32 -3.40 -10.88
C SER A 34 5.59 -4.19 -10.49
N THR A 35 6.73 -3.86 -11.14
CA THR A 35 8.03 -4.54 -10.92
C THR A 35 8.51 -4.43 -9.45
N GLU A 36 7.96 -3.45 -8.72
CA GLU A 36 8.25 -3.22 -7.31
C GLU A 36 7.46 -4.21 -6.42
N ASP A 37 6.11 -4.13 -6.54
CA ASP A 37 5.11 -4.60 -5.53
C ASP A 37 5.72 -5.09 -4.20
N THR A 38 5.92 -4.15 -3.26
CA THR A 38 6.58 -4.40 -1.97
C THR A 38 5.54 -4.45 -0.83
N TRP A 39 5.77 -5.31 0.18
CA TRP A 39 4.85 -5.43 1.33
C TRP A 39 5.25 -4.40 2.40
N GLU A 40 4.48 -3.32 2.50
CA GLU A 40 4.64 -2.32 3.58
C GLU A 40 3.69 -2.69 4.74
N PRO A 41 4.16 -2.62 6.03
CA PRO A 41 3.33 -2.95 7.19
C PRO A 41 2.28 -1.85 7.46
N GLU A 42 1.13 -2.25 8.03
CA GLU A 42 -0.03 -1.35 8.25
C GLU A 42 0.38 -0.06 8.96
N HIS A 43 0.97 -0.20 10.15
CA HIS A 43 1.29 0.95 11.03
C HIS A 43 2.40 1.87 10.45
N HIS A 44 3.05 1.46 9.33
CA HIS A 44 4.15 2.23 8.72
C HIS A 44 3.97 2.41 7.19
N LEU A 45 2.82 1.99 6.58
CA LEU A 45 2.69 1.96 5.09
C LEU A 45 2.71 3.39 4.49
N LEU A 46 1.93 4.29 5.13
CA LEU A 46 1.70 5.68 4.71
C LEU A 46 1.40 6.52 5.95
N HIS A 47 1.40 7.84 5.76
CA HIS A 47 0.92 8.82 6.76
C HIS A 47 -0.54 9.24 6.46
N CYS A 48 -1.06 8.79 5.30
CA CYS A 48 -2.37 9.20 4.78
C CYS A 48 -3.28 7.96 4.57
N GLU A 49 -4.40 7.90 5.32
CA GLU A 49 -5.39 6.80 5.26
C GLU A 49 -6.21 6.83 3.94
N GLU A 50 -6.12 7.95 3.20
CA GLU A 50 -6.81 8.13 1.89
C GLU A 50 -6.40 7.05 0.87
N PHE A 51 -5.13 6.61 0.93
CA PHE A 51 -4.64 5.49 0.09
C PHE A 51 -5.30 4.17 0.49
N ILE A 52 -5.50 3.97 1.80
CA ILE A 52 -6.23 2.79 2.33
C ILE A 52 -7.70 2.85 1.85
N ASP A 53 -8.24 4.08 1.75
CA ASP A 53 -9.61 4.33 1.28
C ASP A 53 -9.72 3.97 -0.21
N GLU A 54 -8.66 4.32 -1.00
CA GLU A 54 -8.66 4.06 -2.44
C GLU A 54 -8.58 2.55 -2.67
N PHE A 55 -7.92 1.85 -1.72
CA PHE A 55 -7.77 0.39 -1.75
C PHE A 55 -9.15 -0.28 -1.66
N ASN A 56 -9.99 0.26 -0.76
CA ASN A 56 -11.36 -0.24 -0.56
C ASN A 56 -12.18 -0.08 -1.85
N GLY A 57 -11.86 0.98 -2.61
CA GLY A 57 -12.52 1.27 -3.89
C GLY A 57 -11.97 0.46 -5.06
N LEU A 58 -10.65 0.17 -5.08
CA LEU A 58 -10.00 -0.44 -6.27
C LEU A 58 -10.10 -1.97 -6.22
N HIS A 59 -10.19 -2.52 -4.99
CA HIS A 59 -10.24 -3.97 -4.77
C HIS A 59 -11.71 -4.43 -4.72
N MET A 60 -12.56 -3.64 -4.04
CA MET A 60 -14.02 -3.82 -4.03
C MET A 60 -14.65 -2.75 -4.93
N SER A 61 -14.95 -3.13 -6.19
CA SER A 61 -15.53 -2.24 -7.20
C SER A 61 -17.04 -2.06 -6.95
N LYS A 62 -17.39 -1.00 -6.19
CA LYS A 62 -18.77 -0.66 -5.84
C LYS A 62 -19.15 0.72 -6.45
N ASP A 63 -18.15 1.63 -6.51
CA ASP A 63 -18.25 3.03 -7.03
C ASP A 63 -19.46 3.79 -6.44
N LYS A 64 -19.72 3.51 -5.14
CA LYS A 64 -20.87 4.03 -4.38
C LYS A 64 -20.98 5.59 -4.48
N GLY A 1 11.70 16.59 2.44
CA GLY A 1 11.31 16.59 3.87
C GLY A 1 11.18 15.17 4.41
N ALA A 2 10.01 14.85 4.98
CA ALA A 2 9.75 13.53 5.58
C ALA A 2 9.40 12.50 4.48
N SER A 3 10.45 11.92 3.87
CA SER A 3 10.32 10.92 2.79
C SER A 3 11.51 9.95 2.84
N GLY A 4 11.54 9.11 3.89
CA GLY A 4 12.57 8.07 4.05
C GLY A 4 12.11 6.75 3.46
N ASP A 5 11.12 6.15 4.11
CA ASP A 5 10.56 4.84 3.71
C ASP A 5 9.46 5.07 2.66
N LEU A 6 8.78 6.21 2.78
CA LEU A 6 7.64 6.60 1.93
C LEU A 6 8.01 7.89 1.17
N TYR A 7 8.76 7.72 0.08
CA TYR A 7 9.10 8.81 -0.85
C TYR A 7 7.83 9.41 -1.48
N GLU A 8 7.23 8.64 -2.39
CA GLU A 8 5.98 8.95 -3.07
C GLU A 8 5.42 7.62 -3.56
N VAL A 9 4.27 7.19 -3.03
CA VAL A 9 3.64 5.94 -3.47
C VAL A 9 2.82 6.18 -4.73
N GLU A 10 2.74 5.16 -5.61
CA GLU A 10 1.79 5.16 -6.72
C GLU A 10 0.39 4.95 -6.12
N ARG A 11 0.24 3.83 -5.36
CA ARG A 11 -1.02 3.47 -4.66
C ARG A 11 -0.88 2.10 -3.98
N ILE A 12 -1.95 1.68 -3.27
CA ILE A 12 -2.07 0.33 -2.76
C ILE A 12 -2.60 -0.58 -3.86
N VAL A 13 -1.85 -1.63 -4.14
CA VAL A 13 -2.19 -2.67 -5.11
C VAL A 13 -3.15 -3.70 -4.47
N ASP A 14 -2.78 -4.20 -3.27
CA ASP A 14 -3.47 -5.33 -2.62
C ASP A 14 -3.05 -5.38 -1.13
N LYS A 15 -3.47 -6.44 -0.39
CA LYS A 15 -3.02 -6.66 1.02
C LYS A 15 -3.08 -8.17 1.35
N ARG A 16 -2.49 -8.54 2.50
CA ARG A 16 -2.56 -9.90 3.07
C ARG A 16 -2.07 -9.89 4.53
N LYS A 17 -2.37 -10.96 5.28
CA LYS A 17 -1.87 -11.15 6.64
C LYS A 17 -0.53 -11.90 6.57
N ASN A 18 0.48 -11.39 7.27
CA ASN A 18 1.82 -12.03 7.36
C ASN A 18 1.73 -13.35 8.16
N LYS A 19 2.81 -14.16 8.12
CA LYS A 19 3.01 -15.34 8.98
C LYS A 19 2.74 -15.00 10.47
N LYS A 20 3.29 -13.88 10.89
CA LYS A 20 3.17 -13.35 12.25
C LYS A 20 1.73 -12.86 12.53
N GLY A 21 0.99 -12.58 11.45
CA GLY A 21 -0.39 -12.09 11.53
C GLY A 21 -0.44 -10.57 11.57
N LYS A 22 0.53 -9.94 10.91
CA LYS A 22 0.61 -8.48 10.81
C LYS A 22 -0.11 -8.00 9.55
N TRP A 23 -0.64 -6.79 9.63
CA TRP A 23 -1.33 -6.13 8.54
C TRP A 23 -0.29 -5.70 7.50
N GLU A 24 -0.29 -6.35 6.34
CA GLU A 24 0.62 -6.02 5.24
C GLU A 24 -0.18 -5.66 4.02
N TYR A 25 0.35 -4.74 3.22
CA TYR A 25 -0.29 -4.21 2.04
C TYR A 25 0.70 -4.25 0.89
N LEU A 26 0.30 -4.85 -0.23
CA LEU A 26 1.07 -4.82 -1.47
C LEU A 26 0.99 -3.40 -2.03
N ILE A 27 2.06 -2.63 -1.83
CA ILE A 27 2.17 -1.24 -2.31
C ILE A 27 3.20 -1.19 -3.44
N ARG A 28 3.05 -0.24 -4.36
CA ARG A 28 4.14 0.15 -5.26
C ARG A 28 4.31 1.68 -5.18
N TRP A 29 5.56 2.14 -5.21
CA TRP A 29 5.89 3.58 -5.16
C TRP A 29 6.41 4.08 -6.52
N LYS A 30 6.24 5.40 -6.76
CA LYS A 30 6.55 6.07 -8.03
C LYS A 30 8.03 5.88 -8.43
N GLY A 31 8.29 5.80 -9.75
CA GLY A 31 9.62 5.51 -10.27
C GLY A 31 9.78 4.04 -10.61
N TYR A 32 9.14 3.19 -9.79
CA TYR A 32 9.17 1.73 -9.94
C TYR A 32 7.75 1.21 -10.20
N GLY A 33 7.58 0.42 -11.29
CA GLY A 33 6.27 -0.05 -11.72
C GLY A 33 5.74 -1.22 -10.90
N SER A 34 5.12 -2.19 -11.61
CA SER A 34 4.68 -3.47 -11.01
C SER A 34 5.89 -4.27 -10.47
N THR A 35 7.07 -4.03 -11.11
CA THR A 35 8.36 -4.66 -10.73
C THR A 35 8.73 -4.39 -9.25
N GLU A 36 8.17 -3.30 -8.70
CA GLU A 36 8.33 -2.93 -7.30
C GLU A 36 7.53 -3.87 -6.39
N ASP A 37 6.19 -3.88 -6.61
CA ASP A 37 5.14 -4.36 -5.66
C ASP A 37 5.67 -5.11 -4.41
N THR A 38 5.77 -4.41 -3.29
CA THR A 38 6.30 -4.94 -2.02
C THR A 38 5.25 -4.83 -0.91
N TRP A 39 5.20 -5.84 -0.02
CA TRP A 39 4.26 -5.86 1.12
C TRP A 39 4.80 -4.98 2.27
N GLU A 40 4.34 -3.73 2.32
CA GLU A 40 4.66 -2.79 3.41
C GLU A 40 3.69 -2.99 4.59
N PRO A 41 4.22 -3.05 5.86
CA PRO A 41 3.39 -3.22 7.07
C PRO A 41 2.55 -1.96 7.35
N GLU A 42 1.39 -2.11 7.99
CA GLU A 42 0.45 -1.00 8.26
C GLU A 42 1.10 0.07 9.16
N HIS A 43 2.03 -0.38 10.03
CA HIS A 43 2.80 0.52 10.91
C HIS A 43 3.62 1.55 10.10
N HIS A 44 3.97 1.19 8.85
CA HIS A 44 4.81 2.03 7.96
C HIS A 44 4.16 2.22 6.57
N LEU A 45 2.89 1.80 6.38
CA LEU A 45 2.33 1.63 4.99
C LEU A 45 2.18 2.97 4.24
N LEU A 46 1.66 3.97 4.95
CA LEU A 46 1.27 5.28 4.42
C LEU A 46 1.32 6.31 5.55
N HIS A 47 1.46 7.58 5.17
CA HIS A 47 1.39 8.73 6.09
C HIS A 47 -0.08 9.11 6.40
N CYS A 48 -0.98 8.75 5.47
CA CYS A 48 -2.42 9.10 5.55
C CYS A 48 -3.30 7.90 5.12
N GLU A 49 -4.47 7.73 5.79
CA GLU A 49 -5.37 6.58 5.58
C GLU A 49 -6.14 6.66 4.21
N GLU A 50 -6.04 7.82 3.54
CA GLU A 50 -6.76 8.08 2.27
C GLU A 50 -6.52 6.97 1.19
N PHE A 51 -5.27 6.47 1.12
CA PHE A 51 -4.90 5.42 0.14
C PHE A 51 -5.57 4.08 0.50
N ILE A 52 -5.73 3.83 1.81
CA ILE A 52 -6.41 2.62 2.33
C ILE A 52 -7.89 2.68 1.88
N ASP A 53 -8.45 3.90 1.87
CA ASP A 53 -9.85 4.13 1.47
C ASP A 53 -10.02 3.81 -0.02
N GLU A 54 -9.06 4.26 -0.86
CA GLU A 54 -9.15 4.05 -2.33
C GLU A 54 -8.94 2.55 -2.62
N PHE A 55 -8.17 1.89 -1.71
CA PHE A 55 -7.92 0.45 -1.78
C PHE A 55 -9.24 -0.31 -1.62
N ASN A 56 -10.07 0.15 -0.65
CA ASN A 56 -11.39 -0.45 -0.39
C ASN A 56 -12.27 -0.39 -1.66
N GLY A 57 -12.05 0.68 -2.45
CA GLY A 57 -12.70 0.85 -3.74
C GLY A 57 -12.20 -0.13 -4.80
N LEU A 58 -10.86 -0.16 -5.02
CA LEU A 58 -10.25 -0.86 -6.19
C LEU A 58 -10.25 -2.38 -5.99
N HIS A 59 -10.31 -2.80 -4.72
CA HIS A 59 -10.28 -4.21 -4.31
C HIS A 59 -11.72 -4.73 -4.13
N MET A 60 -12.61 -3.84 -3.64
CA MET A 60 -13.96 -4.20 -3.16
C MET A 60 -13.82 -5.20 -1.99
N SER A 61 -13.39 -4.66 -0.84
CA SER A 61 -12.97 -5.45 0.34
C SER A 61 -14.16 -5.85 1.25
N LYS A 62 -15.29 -6.24 0.62
CA LYS A 62 -16.55 -6.57 1.32
C LYS A 62 -17.40 -7.53 0.47
N ASP A 63 -18.50 -8.01 1.06
CA ASP A 63 -19.52 -8.84 0.37
C ASP A 63 -20.89 -8.12 0.47
N LYS A 64 -21.74 -8.34 -0.54
CA LYS A 64 -23.07 -7.71 -0.63
C LYS A 64 -24.08 -8.75 -1.21
N GLY A 1 14.22 14.94 -1.76
CA GLY A 1 13.67 13.58 -1.75
C GLY A 1 13.04 13.21 -0.41
N ALA A 2 13.03 11.90 -0.09
CA ALA A 2 12.46 11.37 1.16
C ALA A 2 13.27 10.13 1.60
N SER A 3 14.27 10.35 2.48
CA SER A 3 15.12 9.28 3.01
C SER A 3 14.36 8.44 4.06
N GLY A 4 14.16 7.15 3.77
CA GLY A 4 13.49 6.23 4.70
C GLY A 4 12.82 5.08 3.97
N ASP A 5 11.73 4.56 4.56
CA ASP A 5 10.93 3.47 3.96
C ASP A 5 9.99 4.06 2.91
N LEU A 6 9.46 5.25 3.22
CA LEU A 6 8.38 5.86 2.47
C LEU A 6 8.93 6.90 1.51
N TYR A 7 9.27 6.41 0.33
CA TYR A 7 9.41 7.22 -0.88
C TYR A 7 8.00 7.58 -1.42
N GLU A 8 7.94 8.19 -2.61
CA GLU A 8 6.68 8.61 -3.21
C GLU A 8 5.98 7.38 -3.77
N VAL A 9 5.05 6.83 -2.97
CA VAL A 9 4.24 5.68 -3.37
C VAL A 9 3.22 6.12 -4.42
N GLU A 10 3.00 5.30 -5.48
CA GLU A 10 2.01 5.63 -6.50
C GLU A 10 0.62 5.25 -5.99
N ARG A 11 0.50 4.03 -5.42
CA ARG A 11 -0.78 3.55 -4.83
C ARG A 11 -0.63 2.14 -4.22
N ILE A 12 -1.72 1.67 -3.59
CA ILE A 12 -1.79 0.31 -3.06
C ILE A 12 -2.25 -0.67 -4.16
N VAL A 13 -1.46 -1.73 -4.31
CA VAL A 13 -1.72 -2.85 -5.21
C VAL A 13 -2.71 -3.85 -4.57
N ASP A 14 -2.38 -4.28 -3.34
CA ASP A 14 -3.07 -5.38 -2.64
C ASP A 14 -2.75 -5.30 -1.13
N LYS A 15 -3.21 -6.28 -0.34
CA LYS A 15 -2.82 -6.43 1.07
C LYS A 15 -2.61 -7.92 1.38
N ARG A 16 -1.95 -8.20 2.51
CA ARG A 16 -1.71 -9.55 3.03
C ARG A 16 -1.50 -9.50 4.53
N LYS A 17 -1.40 -10.70 5.12
CA LYS A 17 -1.01 -10.89 6.52
C LYS A 17 0.39 -11.50 6.52
N ASN A 18 1.27 -10.99 7.38
CA ASN A 18 2.58 -11.63 7.68
C ASN A 18 2.33 -13.01 8.31
N LYS A 19 3.34 -13.90 8.26
CA LYS A 19 3.28 -15.22 8.95
C LYS A 19 3.17 -15.07 10.49
N LYS A 20 3.47 -13.84 10.98
CA LYS A 20 3.30 -13.43 12.40
C LYS A 20 1.92 -12.74 12.60
N GLY A 21 1.02 -12.90 11.60
CA GLY A 21 -0.34 -12.37 11.63
C GLY A 21 -0.43 -10.85 11.67
N LYS A 22 0.60 -10.17 11.14
CA LYS A 22 0.66 -8.69 11.12
C LYS A 22 -0.03 -8.13 9.86
N TRP A 23 -0.30 -6.82 9.87
CA TRP A 23 -1.06 -6.16 8.81
C TRP A 23 -0.09 -5.60 7.76
N GLU A 24 -0.08 -6.18 6.57
CA GLU A 24 0.73 -5.70 5.43
C GLU A 24 -0.19 -5.22 4.31
N TYR A 25 0.31 -4.26 3.55
CA TYR A 25 -0.30 -3.79 2.33
C TYR A 25 0.78 -3.81 1.24
N LEU A 26 0.46 -4.49 0.14
CA LEU A 26 1.31 -4.57 -1.03
C LEU A 26 1.22 -3.21 -1.77
N ILE A 27 2.25 -2.38 -1.61
CA ILE A 27 2.30 -1.02 -2.18
C ILE A 27 3.33 -0.96 -3.32
N ARG A 28 3.00 -0.26 -4.41
CA ARG A 28 3.99 0.11 -5.44
C ARG A 28 4.33 1.59 -5.26
N TRP A 29 5.63 1.93 -5.36
CA TRP A 29 6.07 3.35 -5.37
C TRP A 29 6.51 3.80 -6.77
N LYS A 30 6.23 5.09 -7.03
CA LYS A 30 6.37 5.73 -8.34
C LYS A 30 7.82 5.68 -8.83
N GLY A 31 7.97 5.57 -10.16
CA GLY A 31 9.25 5.28 -10.80
C GLY A 31 9.28 3.85 -11.28
N TYR A 32 8.57 2.98 -10.52
CA TYR A 32 8.43 1.56 -10.82
C TYR A 32 6.93 1.22 -11.00
N GLY A 33 6.64 0.21 -11.85
CA GLY A 33 5.27 -0.21 -12.15
C GLY A 33 4.63 -1.03 -11.03
N SER A 34 3.62 -1.85 -11.39
CA SER A 34 2.96 -2.76 -10.43
C SER A 34 3.90 -3.91 -10.00
N THR A 35 5.00 -4.11 -10.76
CA THR A 35 6.04 -5.14 -10.45
C THR A 35 6.92 -4.73 -9.25
N GLU A 36 6.76 -3.46 -8.79
CA GLU A 36 7.41 -2.93 -7.58
C GLU A 36 6.80 -3.56 -6.31
N ASP A 37 5.50 -3.91 -6.43
CA ASP A 37 4.62 -4.35 -5.33
C ASP A 37 5.33 -5.00 -4.12
N THR A 38 5.57 -4.20 -3.07
CA THR A 38 6.31 -4.61 -1.87
C THR A 38 5.39 -4.52 -0.64
N TRP A 39 5.53 -5.48 0.28
CA TRP A 39 4.56 -5.71 1.39
C TRP A 39 4.91 -4.85 2.62
N GLU A 40 4.54 -3.57 2.57
CA GLU A 40 4.86 -2.59 3.61
C GLU A 40 3.94 -2.80 4.84
N PRO A 41 4.50 -2.73 6.10
CA PRO A 41 3.70 -2.81 7.33
C PRO A 41 2.73 -1.61 7.43
N GLU A 42 1.49 -1.89 7.84
CA GLU A 42 0.39 -0.90 7.94
C GLU A 42 0.76 0.24 8.89
N HIS A 43 1.47 -0.08 9.99
CA HIS A 43 1.91 0.94 10.99
C HIS A 43 2.91 1.95 10.39
N HIS A 44 3.47 1.61 9.22
CA HIS A 44 4.47 2.44 8.50
C HIS A 44 4.12 2.58 6.99
N LEU A 45 2.89 2.24 6.55
CA LEU A 45 2.60 2.20 5.08
C LEU A 45 2.41 3.63 4.51
N LEU A 46 1.67 4.48 5.25
CA LEU A 46 1.22 5.83 4.82
C LEU A 46 0.59 6.55 6.01
N HIS A 47 0.79 7.89 6.08
CA HIS A 47 0.27 8.73 7.18
C HIS A 47 -1.27 8.88 7.11
N CYS A 48 -1.83 8.69 5.90
CA CYS A 48 -3.26 8.87 5.63
C CYS A 48 -3.92 7.53 5.32
N GLU A 49 -5.01 7.24 6.03
CA GLU A 49 -5.88 6.06 5.80
C GLU A 49 -6.69 6.22 4.48
N GLU A 50 -6.68 7.45 3.94
CA GLU A 50 -7.42 7.84 2.72
C GLU A 50 -7.07 6.90 1.53
N PHE A 51 -5.76 6.63 1.39
CA PHE A 51 -5.23 5.74 0.33
C PHE A 51 -5.70 4.29 0.54
N ILE A 52 -5.80 3.88 1.81
CA ILE A 52 -6.29 2.55 2.21
C ILE A 52 -7.77 2.43 1.78
N ASP A 53 -8.51 3.55 1.89
CA ASP A 53 -9.91 3.62 1.47
C ASP A 53 -9.98 3.50 -0.07
N GLU A 54 -8.98 4.12 -0.77
CA GLU A 54 -8.87 4.01 -2.25
C GLU A 54 -8.64 2.53 -2.63
N PHE A 55 -7.85 1.82 -1.79
CA PHE A 55 -7.53 0.41 -2.02
C PHE A 55 -8.83 -0.41 -2.02
N ASN A 56 -9.71 -0.10 -1.06
CA ASN A 56 -11.02 -0.77 -0.91
C ASN A 56 -11.83 -0.60 -2.20
N GLY A 57 -11.71 0.61 -2.79
CA GLY A 57 -12.39 0.96 -4.02
C GLY A 57 -11.84 0.24 -5.26
N LEU A 58 -10.48 0.19 -5.42
CA LEU A 58 -9.85 -0.28 -6.68
C LEU A 58 -9.76 -1.82 -6.71
N HIS A 59 -9.68 -2.41 -5.50
CA HIS A 59 -9.53 -3.85 -5.31
C HIS A 59 -10.88 -4.54 -5.51
N MET A 60 -11.93 -4.00 -4.86
CA MET A 60 -13.25 -4.63 -4.83
C MET A 60 -14.35 -3.57 -4.74
N SER A 61 -14.80 -3.09 -5.91
CA SER A 61 -15.81 -2.04 -6.03
C SER A 61 -17.20 -2.61 -5.68
N LYS A 62 -17.63 -2.40 -4.42
CA LYS A 62 -18.94 -2.84 -3.93
C LYS A 62 -19.72 -1.65 -3.36
N ASP A 63 -21.02 -1.59 -3.66
CA ASP A 63 -21.91 -0.51 -3.21
C ASP A 63 -22.41 -0.84 -1.80
N LYS A 64 -21.89 -0.09 -0.80
CA LYS A 64 -22.32 -0.15 0.60
C LYS A 64 -22.06 -1.56 1.20
N GLY A 1 10.85 16.73 -1.82
CA GLY A 1 11.94 16.01 -2.50
C GLY A 1 12.21 14.65 -1.87
N ALA A 2 13.45 14.16 -2.01
CA ALA A 2 13.88 12.86 -1.45
C ALA A 2 14.17 13.00 0.06
N SER A 3 13.12 12.84 0.87
CA SER A 3 13.21 12.87 2.34
C SER A 3 12.19 11.88 2.96
N GLY A 4 11.80 10.87 2.15
CA GLY A 4 10.84 9.85 2.54
C GLY A 4 11.33 8.46 2.17
N ASP A 5 11.08 7.49 3.05
CA ASP A 5 11.43 6.07 2.84
C ASP A 5 10.53 5.44 1.76
N LEU A 6 9.28 5.92 1.73
CA LEU A 6 8.28 5.50 0.75
C LEU A 6 8.47 6.23 -0.59
N TYR A 7 9.27 7.33 -0.52
CA TYR A 7 9.60 8.21 -1.66
C TYR A 7 8.33 8.88 -2.22
N GLU A 8 7.61 8.14 -3.08
CA GLU A 8 6.33 8.54 -3.65
C GLU A 8 5.56 7.25 -3.96
N VAL A 9 4.63 6.86 -3.07
CA VAL A 9 3.79 5.69 -3.32
C VAL A 9 2.83 5.98 -4.49
N GLU A 10 2.77 5.05 -5.45
CA GLU A 10 1.84 5.15 -6.58
C GLU A 10 0.43 4.90 -6.06
N ARG A 11 0.28 3.78 -5.29
CA ARG A 11 -0.99 3.43 -4.59
C ARG A 11 -0.87 2.04 -3.95
N ILE A 12 -1.95 1.62 -3.27
CA ILE A 12 -2.07 0.26 -2.74
C ILE A 12 -2.55 -0.68 -3.86
N VAL A 13 -1.89 -1.82 -3.95
CA VAL A 13 -2.18 -2.90 -4.88
C VAL A 13 -3.13 -3.90 -4.22
N ASP A 14 -2.75 -4.33 -3.01
CA ASP A 14 -3.37 -5.45 -2.31
C ASP A 14 -3.01 -5.37 -0.82
N LYS A 15 -3.53 -6.31 -0.01
CA LYS A 15 -3.11 -6.51 1.38
C LYS A 15 -3.26 -7.99 1.74
N ARG A 16 -2.49 -8.43 2.73
CA ARG A 16 -2.59 -9.79 3.27
C ARG A 16 -2.00 -9.81 4.69
N LYS A 17 -2.27 -10.90 5.42
CA LYS A 17 -1.75 -11.09 6.78
C LYS A 17 -0.40 -11.83 6.70
N ASN A 18 0.59 -11.32 7.44
CA ASN A 18 1.91 -11.96 7.59
C ASN A 18 1.79 -13.31 8.35
N LYS A 19 2.84 -14.13 8.32
CA LYS A 19 2.91 -15.41 9.08
C LYS A 19 2.71 -15.20 10.60
N LYS A 20 3.07 -14.00 11.06
CA LYS A 20 2.96 -13.58 12.48
C LYS A 20 1.66 -12.77 12.71
N GLY A 21 0.74 -12.84 11.73
CA GLY A 21 -0.55 -12.15 11.79
C GLY A 21 -0.44 -10.63 11.75
N LYS A 22 0.63 -10.12 11.11
CA LYS A 22 0.87 -8.68 10.99
C LYS A 22 0.13 -8.09 9.79
N TRP A 23 -0.30 -6.84 9.96
CA TRP A 23 -1.02 -6.08 8.93
C TRP A 23 -0.03 -5.68 7.83
N GLU A 24 -0.18 -6.26 6.63
CA GLU A 24 0.68 -5.95 5.48
C GLU A 24 -0.18 -5.51 4.30
N TYR A 25 0.33 -4.56 3.54
CA TYR A 25 -0.28 -4.05 2.31
C TYR A 25 0.77 -4.11 1.19
N LEU A 26 0.38 -4.71 0.07
CA LEU A 26 1.18 -4.70 -1.15
C LEU A 26 1.11 -3.28 -1.73
N ILE A 27 2.22 -2.53 -1.66
CA ILE A 27 2.31 -1.13 -2.14
C ILE A 27 3.34 -1.02 -3.26
N ARG A 28 2.98 -0.31 -4.32
CA ARG A 28 3.90 0.05 -5.39
C ARG A 28 4.20 1.55 -5.33
N TRP A 29 5.46 1.91 -5.62
CA TRP A 29 5.93 3.30 -5.59
C TRP A 29 6.83 3.62 -6.80
N LYS A 30 6.91 4.94 -7.10
CA LYS A 30 7.75 5.50 -8.18
C LYS A 30 9.22 5.01 -8.06
N GLY A 31 9.87 4.86 -9.22
CA GLY A 31 11.17 4.21 -9.34
C GLY A 31 11.04 2.84 -10.00
N TYR A 32 9.95 2.13 -9.68
CA TYR A 32 9.57 0.86 -10.37
C TYR A 32 8.14 0.93 -10.90
N GLY A 33 7.29 1.70 -10.20
CA GLY A 33 5.87 1.78 -10.52
C GLY A 33 5.16 0.47 -10.26
N SER A 34 4.48 -0.09 -11.29
CA SER A 34 3.68 -1.33 -11.17
C SER A 34 4.52 -2.51 -10.60
N THR A 35 5.67 -2.76 -11.24
CA THR A 35 6.53 -3.94 -10.99
C THR A 35 7.20 -3.91 -9.59
N GLU A 36 7.01 -2.82 -8.82
CA GLU A 36 7.50 -2.75 -7.44
C GLU A 36 6.71 -3.74 -6.55
N ASP A 37 5.37 -3.50 -6.50
CA ASP A 37 4.40 -4.05 -5.49
C ASP A 37 5.05 -4.91 -4.37
N THR A 38 5.44 -4.24 -3.27
CA THR A 38 6.20 -4.82 -2.14
C THR A 38 5.37 -4.78 -0.84
N TRP A 39 5.60 -5.78 0.05
CA TRP A 39 4.81 -5.97 1.28
C TRP A 39 5.26 -5.00 2.38
N GLU A 40 4.60 -3.84 2.48
CA GLU A 40 4.88 -2.83 3.52
C GLU A 40 3.88 -2.98 4.69
N PRO A 41 4.37 -2.94 5.98
CA PRO A 41 3.47 -3.04 7.15
C PRO A 41 2.56 -1.80 7.26
N GLU A 42 1.44 -1.94 7.95
CA GLU A 42 0.41 -0.90 8.05
C GLU A 42 0.96 0.38 8.73
N HIS A 43 1.77 0.22 9.79
CA HIS A 43 2.36 1.38 10.50
C HIS A 43 3.49 2.07 9.66
N HIS A 44 3.80 1.51 8.47
CA HIS A 44 4.81 2.07 7.55
C HIS A 44 4.27 2.34 6.15
N LEU A 45 3.04 1.85 5.81
CA LEU A 45 2.56 1.91 4.39
C LEU A 45 2.31 3.37 3.96
N LEU A 46 1.64 4.11 4.85
CA LEU A 46 1.19 5.49 4.64
C LEU A 46 1.05 6.16 6.02
N HIS A 47 0.99 7.50 6.01
CA HIS A 47 0.69 8.31 7.20
C HIS A 47 -0.83 8.47 7.39
N CYS A 48 -1.60 8.32 6.30
CA CYS A 48 -3.05 8.60 6.28
C CYS A 48 -3.83 7.42 5.68
N GLU A 49 -5.02 7.16 6.25
CA GLU A 49 -5.92 6.04 5.86
C GLU A 49 -6.61 6.27 4.47
N GLU A 50 -6.47 7.49 3.91
CA GLU A 50 -7.13 7.90 2.63
C GLU A 50 -6.87 6.86 1.51
N PHE A 51 -5.60 6.45 1.42
CA PHE A 51 -5.14 5.46 0.44
C PHE A 51 -5.77 4.09 0.70
N ILE A 52 -5.93 3.73 1.99
CA ILE A 52 -6.57 2.46 2.41
C ILE A 52 -8.05 2.47 1.96
N ASP A 53 -8.67 3.67 1.99
CA ASP A 53 -10.06 3.85 1.54
C ASP A 53 -10.17 3.57 0.03
N GLU A 54 -9.21 4.12 -0.78
CA GLU A 54 -9.25 3.94 -2.24
C GLU A 54 -8.94 2.48 -2.55
N PHE A 55 -8.17 1.83 -1.64
CA PHE A 55 -7.82 0.42 -1.77
C PHE A 55 -9.10 -0.44 -1.75
N ASN A 56 -9.99 -0.14 -0.81
CA ASN A 56 -11.25 -0.89 -0.64
C ASN A 56 -12.19 -0.65 -1.83
N GLY A 57 -11.97 0.48 -2.53
CA GLY A 57 -12.70 0.79 -3.77
C GLY A 57 -12.12 0.10 -5.00
N LEU A 58 -10.78 -0.08 -5.06
CA LEU A 58 -10.10 -0.62 -6.28
C LEU A 58 -9.99 -2.15 -6.24
N HIS A 59 -9.91 -2.71 -5.02
CA HIS A 59 -9.67 -4.14 -4.78
C HIS A 59 -10.98 -4.91 -4.89
N MET A 60 -12.05 -4.32 -4.33
CA MET A 60 -13.42 -4.82 -4.47
C MET A 60 -14.09 -4.08 -5.63
N SER A 61 -14.54 -4.83 -6.64
CA SER A 61 -15.28 -4.30 -7.81
C SER A 61 -16.78 -4.07 -7.45
N LYS A 62 -16.97 -3.26 -6.39
CA LYS A 62 -18.27 -2.92 -5.83
C LYS A 62 -18.05 -1.74 -4.87
N ASP A 63 -18.35 -0.52 -5.36
CA ASP A 63 -18.41 0.69 -4.53
C ASP A 63 -19.68 0.65 -3.66
N LYS A 64 -19.78 1.55 -2.68
CA LYS A 64 -20.93 1.60 -1.76
C LYS A 64 -22.21 1.93 -2.57
N GLY A 1 12.79 12.62 -3.38
CA GLY A 1 13.71 13.16 -2.36
C GLY A 1 13.25 12.88 -0.93
N ALA A 2 12.77 11.65 -0.68
CA ALA A 2 12.33 11.21 0.66
C ALA A 2 13.51 10.59 1.44
N SER A 3 13.50 10.78 2.78
CA SER A 3 14.54 10.27 3.68
C SER A 3 14.05 8.98 4.40
N GLY A 4 12.98 8.36 3.85
CA GLY A 4 12.37 7.16 4.45
C GLY A 4 11.96 6.13 3.41
N ASP A 5 11.26 5.09 3.89
CA ASP A 5 10.82 3.95 3.06
C ASP A 5 9.66 4.33 2.12
N LEU A 6 8.95 5.40 2.49
CA LEU A 6 7.79 5.89 1.73
C LEU A 6 8.26 7.04 0.84
N TYR A 7 8.94 6.65 -0.24
CA TYR A 7 9.47 7.58 -1.24
C TYR A 7 8.34 8.42 -1.86
N GLU A 8 7.55 7.80 -2.73
CA GLU A 8 6.34 8.36 -3.29
C GLU A 8 5.50 7.19 -3.75
N VAL A 9 4.51 6.78 -2.94
CA VAL A 9 3.65 5.65 -3.30
C VAL A 9 2.71 6.05 -4.45
N GLU A 10 2.59 5.19 -5.47
CA GLU A 10 1.59 5.37 -6.53
C GLU A 10 0.22 4.96 -5.97
N ARG A 11 0.13 3.72 -5.46
CA ARG A 11 -1.15 3.15 -4.98
C ARG A 11 -0.89 1.92 -4.13
N ILE A 12 -1.95 1.43 -3.48
CA ILE A 12 -1.95 0.11 -2.85
C ILE A 12 -2.37 -0.92 -3.89
N VAL A 13 -1.48 -1.89 -4.11
CA VAL A 13 -1.70 -3.02 -5.02
C VAL A 13 -2.72 -3.98 -4.41
N ASP A 14 -2.48 -4.35 -3.14
CA ASP A 14 -3.27 -5.34 -2.40
C ASP A 14 -2.82 -5.31 -0.91
N LYS A 15 -3.35 -6.24 -0.12
CA LYS A 15 -2.90 -6.50 1.26
C LYS A 15 -2.73 -8.00 1.44
N ARG A 16 -2.14 -8.39 2.58
CA ARG A 16 -2.14 -9.77 3.08
C ARG A 16 -1.74 -9.78 4.56
N LYS A 17 -1.89 -10.94 5.20
CA LYS A 17 -1.49 -11.13 6.59
C LYS A 17 -0.13 -11.83 6.61
N ASN A 18 0.76 -11.36 7.46
CA ASN A 18 2.12 -11.91 7.65
C ASN A 18 2.04 -13.30 8.29
N LYS A 19 3.17 -14.03 8.26
CA LYS A 19 3.32 -15.34 8.94
C LYS A 19 3.08 -15.21 10.48
N LYS A 20 3.28 -13.99 10.99
CA LYS A 20 3.04 -13.63 12.41
C LYS A 20 1.67 -12.93 12.59
N GLY A 21 0.78 -13.08 11.57
CA GLY A 21 -0.56 -12.51 11.60
C GLY A 21 -0.55 -10.98 11.66
N LYS A 22 0.48 -10.35 11.08
CA LYS A 22 0.63 -8.89 11.07
C LYS A 22 -0.07 -8.29 9.85
N TRP A 23 -0.42 -7.01 9.94
CA TRP A 23 -1.06 -6.27 8.86
C TRP A 23 -0.02 -5.82 7.82
N GLU A 24 -0.11 -6.38 6.61
CA GLU A 24 0.74 -6.01 5.47
C GLU A 24 -0.13 -5.44 4.34
N TYR A 25 0.43 -4.49 3.60
CA TYR A 25 -0.17 -3.96 2.38
C TYR A 25 0.90 -3.98 1.27
N LEU A 26 0.56 -4.64 0.17
CA LEU A 26 1.37 -4.62 -1.04
C LEU A 26 1.17 -3.26 -1.71
N ILE A 27 2.22 -2.44 -1.72
CA ILE A 27 2.23 -1.07 -2.28
C ILE A 27 3.21 -1.03 -3.47
N ARG A 28 2.97 -0.13 -4.43
CA ARG A 28 3.96 0.22 -5.46
C ARG A 28 4.21 1.72 -5.45
N TRP A 29 5.49 2.12 -5.65
CA TRP A 29 5.91 3.51 -5.76
C TRP A 29 5.81 4.00 -7.22
N LYS A 30 5.69 5.32 -7.38
CA LYS A 30 5.50 5.98 -8.67
C LYS A 30 6.80 5.91 -9.50
N GLY A 31 6.66 5.64 -10.81
CA GLY A 31 7.80 5.41 -11.71
C GLY A 31 8.17 3.94 -11.83
N TYR A 32 7.62 3.11 -10.93
CA TYR A 32 7.90 1.66 -10.89
C TYR A 32 6.58 0.87 -11.05
N GLY A 33 6.59 -0.17 -11.90
CA GLY A 33 5.41 -1.00 -12.15
C GLY A 33 5.21 -2.08 -11.10
N SER A 34 4.75 -3.27 -11.56
CA SER A 34 4.54 -4.45 -10.70
C SER A 34 5.88 -4.99 -10.14
N THR A 35 6.98 -4.72 -10.87
CA THR A 35 8.35 -5.09 -10.48
C THR A 35 8.77 -4.45 -9.14
N GLU A 36 8.06 -3.38 -8.74
CA GLU A 36 8.24 -2.72 -7.44
C GLU A 36 7.62 -3.59 -6.34
N ASP A 37 6.29 -3.81 -6.48
CA ASP A 37 5.32 -4.22 -5.41
C ASP A 37 5.97 -4.67 -4.09
N THR A 38 6.18 -3.72 -3.18
CA THR A 38 6.82 -3.94 -1.87
C THR A 38 5.75 -4.11 -0.77
N TRP A 39 6.02 -4.95 0.23
CA TRP A 39 5.07 -5.18 1.33
C TRP A 39 5.39 -4.24 2.52
N GLU A 40 4.67 -3.12 2.60
CA GLU A 40 4.82 -2.14 3.69
C GLU A 40 3.89 -2.54 4.85
N PRO A 41 4.37 -2.50 6.13
CA PRO A 41 3.50 -2.80 7.31
C PRO A 41 2.49 -1.67 7.51
N GLU A 42 1.30 -2.00 7.99
CA GLU A 42 0.19 -1.04 8.19
C GLU A 42 0.63 0.12 9.12
N HIS A 43 1.37 -0.22 10.17
CA HIS A 43 1.81 0.75 11.18
C HIS A 43 2.84 1.75 10.62
N HIS A 44 3.33 1.51 9.39
CA HIS A 44 4.31 2.39 8.70
C HIS A 44 3.98 2.59 7.21
N LEU A 45 2.79 2.16 6.70
CA LEU A 45 2.52 2.23 5.23
C LEU A 45 2.27 3.68 4.81
N LEU A 46 1.41 4.38 5.55
CA LEU A 46 1.06 5.80 5.40
C LEU A 46 0.53 6.29 6.75
N HIS A 47 0.63 7.60 7.01
CA HIS A 47 0.04 8.23 8.21
C HIS A 47 -1.45 8.56 8.00
N CYS A 48 -1.91 8.43 6.73
CA CYS A 48 -3.28 8.76 6.31
C CYS A 48 -3.98 7.50 5.79
N GLU A 49 -5.21 7.25 6.30
CA GLU A 49 -6.08 6.15 5.86
C GLU A 49 -6.64 6.40 4.44
N GLU A 50 -6.43 7.63 3.90
CA GLU A 50 -6.89 8.06 2.56
C GLU A 50 -6.49 7.04 1.48
N PHE A 51 -5.22 6.64 1.53
CA PHE A 51 -4.61 5.70 0.58
C PHE A 51 -5.24 4.30 0.74
N ILE A 52 -5.54 3.94 2.00
CA ILE A 52 -6.20 2.67 2.36
C ILE A 52 -7.66 2.69 1.84
N ASP A 53 -8.25 3.89 1.83
CA ASP A 53 -9.60 4.13 1.28
C ASP A 53 -9.56 3.92 -0.24
N GLU A 54 -8.45 4.38 -0.86
CA GLU A 54 -8.21 4.23 -2.31
C GLU A 54 -8.13 2.75 -2.65
N PHE A 55 -7.54 1.96 -1.72
CA PHE A 55 -7.39 0.51 -1.87
C PHE A 55 -8.77 -0.13 -2.00
N ASN A 56 -9.72 0.27 -1.13
CA ASN A 56 -11.10 -0.26 -1.16
C ASN A 56 -11.78 0.13 -2.49
N GLY A 57 -11.41 1.32 -3.02
CA GLY A 57 -11.95 1.80 -4.28
C GLY A 57 -11.47 0.98 -5.49
N LEU A 58 -10.18 0.58 -5.48
CA LEU A 58 -9.55 -0.08 -6.66
C LEU A 58 -9.62 -1.62 -6.57
N HIS A 59 -9.87 -2.17 -5.38
CA HIS A 59 -9.77 -3.63 -5.11
C HIS A 59 -11.15 -4.27 -4.89
N MET A 60 -12.10 -3.51 -4.34
CA MET A 60 -13.49 -4.00 -4.14
C MET A 60 -14.22 -3.95 -5.50
N SER A 61 -14.49 -5.14 -6.07
CA SER A 61 -15.08 -5.29 -7.41
C SER A 61 -16.47 -4.61 -7.49
N LYS A 62 -17.26 -4.74 -6.41
CA LYS A 62 -18.59 -4.15 -6.30
C LYS A 62 -18.65 -3.27 -5.05
N ASP A 63 -18.46 -1.96 -5.26
CA ASP A 63 -18.50 -0.95 -4.19
C ASP A 63 -19.88 -0.26 -4.16
N LYS A 64 -20.23 0.32 -3.00
CA LYS A 64 -21.51 1.04 -2.80
C LYS A 64 -21.48 2.42 -3.51
N GLY A 1 7.97 14.52 1.97
CA GLY A 1 8.22 13.06 1.91
C GLY A 1 8.32 12.42 3.29
N ALA A 2 8.37 11.07 3.30
CA ALA A 2 8.48 10.29 4.53
C ALA A 2 9.95 9.96 4.86
N SER A 3 10.26 9.82 6.17
CA SER A 3 11.63 9.59 6.67
C SER A 3 12.00 8.08 6.69
N GLY A 4 11.19 7.25 5.99
CA GLY A 4 11.44 5.80 5.89
C GLY A 4 11.74 5.36 4.46
N ASP A 5 11.19 4.19 4.05
CA ASP A 5 11.39 3.59 2.70
C ASP A 5 10.30 4.08 1.70
N LEU A 6 9.52 5.08 2.12
CA LEU A 6 8.43 5.64 1.34
C LEU A 6 8.98 6.85 0.56
N TYR A 7 9.68 6.50 -0.53
CA TYR A 7 10.16 7.46 -1.54
C TYR A 7 9.01 8.39 -1.98
N GLU A 8 8.07 7.79 -2.73
CA GLU A 8 6.77 8.35 -3.08
C GLU A 8 5.89 7.17 -3.43
N VAL A 9 4.82 6.91 -2.67
CA VAL A 9 3.89 5.80 -2.99
C VAL A 9 3.06 6.17 -4.23
N GLU A 10 2.89 5.20 -5.16
CA GLU A 10 1.96 5.36 -6.27
C GLU A 10 0.54 5.09 -5.75
N ARG A 11 0.35 3.87 -5.16
CA ARG A 11 -0.93 3.48 -4.49
C ARG A 11 -0.81 2.06 -3.91
N ILE A 12 -1.88 1.61 -3.22
CA ILE A 12 -1.96 0.24 -2.68
C ILE A 12 -2.37 -0.75 -3.79
N VAL A 13 -1.57 -1.82 -3.91
CA VAL A 13 -1.81 -2.94 -4.82
C VAL A 13 -2.84 -3.91 -4.21
N ASP A 14 -2.55 -4.33 -2.97
CA ASP A 14 -3.21 -5.46 -2.29
C ASP A 14 -2.93 -5.34 -0.77
N LYS A 15 -3.47 -6.26 0.02
CA LYS A 15 -3.07 -6.44 1.43
C LYS A 15 -3.00 -7.93 1.75
N ARG A 16 -2.37 -8.26 2.90
CA ARG A 16 -2.28 -9.63 3.41
C ARG A 16 -1.92 -9.60 4.90
N LYS A 17 -2.05 -10.73 5.59
CA LYS A 17 -1.68 -10.85 7.01
C LYS A 17 -0.20 -11.26 7.11
N ASN A 18 0.57 -10.47 7.89
CA ASN A 18 1.97 -10.76 8.27
C ASN A 18 2.10 -12.15 8.94
N LYS A 19 3.30 -12.74 8.94
CA LYS A 19 3.58 -14.09 9.50
C LYS A 19 3.33 -14.14 11.03
N LYS A 20 3.36 -12.95 11.68
CA LYS A 20 3.04 -12.78 13.12
C LYS A 20 1.53 -12.39 13.30
N GLY A 21 0.77 -12.52 12.21
CA GLY A 21 -0.67 -12.23 12.16
C GLY A 21 -1.01 -10.75 12.27
N LYS A 22 -0.09 -9.89 11.80
CA LYS A 22 -0.28 -8.43 11.80
C LYS A 22 -0.81 -7.96 10.44
N TRP A 23 -1.11 -6.67 10.31
CA TRP A 23 -1.65 -6.08 9.08
C TRP A 23 -0.49 -5.69 8.15
N GLU A 24 -0.52 -6.21 6.92
CA GLU A 24 0.37 -5.76 5.83
C GLU A 24 -0.47 -5.30 4.64
N TYR A 25 0.10 -4.38 3.87
CA TYR A 25 -0.47 -3.88 2.62
C TYR A 25 0.62 -3.92 1.56
N LEU A 26 0.34 -4.61 0.45
CA LEU A 26 1.21 -4.64 -0.72
C LEU A 26 1.07 -3.27 -1.43
N ILE A 27 2.16 -2.51 -1.48
CA ILE A 27 2.18 -1.14 -2.03
C ILE A 27 3.11 -1.12 -3.26
N ARG A 28 2.84 -0.22 -4.19
CA ARG A 28 3.76 0.12 -5.29
C ARG A 28 4.15 1.60 -5.14
N TRP A 29 5.46 1.91 -5.28
CA TRP A 29 5.96 3.29 -5.19
C TRP A 29 6.40 3.83 -6.56
N LYS A 30 6.07 5.12 -6.79
CA LYS A 30 6.21 5.83 -8.06
C LYS A 30 7.68 5.85 -8.53
N GLY A 31 7.88 5.78 -9.85
CA GLY A 31 9.21 5.59 -10.43
C GLY A 31 9.35 4.19 -11.00
N TYR A 32 8.69 3.21 -10.34
CA TYR A 32 8.56 1.83 -10.87
C TYR A 32 7.08 1.48 -11.00
N GLY A 33 6.31 1.87 -10.00
CA GLY A 33 4.89 1.59 -9.95
C GLY A 33 4.61 0.10 -9.82
N SER A 34 3.78 -0.45 -10.72
CA SER A 34 3.33 -1.85 -10.64
C SER A 34 4.49 -2.87 -10.66
N THR A 35 5.52 -2.62 -11.50
CA THR A 35 6.69 -3.54 -11.64
C THR A 35 7.52 -3.63 -10.34
N GLU A 36 7.34 -2.66 -9.44
CA GLU A 36 7.94 -2.68 -8.09
C GLU A 36 7.20 -3.70 -7.21
N ASP A 37 5.86 -3.48 -7.11
CA ASP A 37 4.94 -4.04 -6.09
C ASP A 37 5.64 -4.78 -4.90
N THR A 38 5.87 -4.01 -3.81
CA THR A 38 6.57 -4.48 -2.60
C THR A 38 5.61 -4.44 -1.40
N TRP A 39 5.70 -5.42 -0.50
CA TRP A 39 4.80 -5.48 0.68
C TRP A 39 5.43 -4.71 1.85
N GLU A 40 4.66 -3.76 2.40
CA GLU A 40 5.03 -2.99 3.59
C GLU A 40 3.91 -3.15 4.64
N PRO A 41 4.25 -3.44 5.93
CA PRO A 41 3.26 -3.56 7.01
C PRO A 41 2.53 -2.24 7.28
N GLU A 42 1.47 -2.32 8.09
CA GLU A 42 0.58 -1.18 8.41
C GLU A 42 1.39 -0.02 9.01
N HIS A 43 2.24 -0.35 10.00
CA HIS A 43 3.08 0.66 10.69
C HIS A 43 4.19 1.25 9.77
N HIS A 44 4.35 0.69 8.55
CA HIS A 44 5.31 1.18 7.54
C HIS A 44 4.63 1.86 6.35
N LEU A 45 3.39 1.45 5.98
CA LEU A 45 2.88 1.69 4.61
C LEU A 45 2.72 3.21 4.30
N LEU A 46 2.16 3.95 5.28
CA LEU A 46 1.70 5.36 5.13
C LEU A 46 1.18 5.89 6.47
N HIS A 47 0.88 7.20 6.50
CA HIS A 47 0.02 7.84 7.51
C HIS A 47 -1.37 8.15 6.88
N CYS A 48 -1.45 8.02 5.54
CA CYS A 48 -2.60 8.44 4.74
C CYS A 48 -3.60 7.27 4.57
N GLU A 49 -4.65 7.28 5.42
CA GLU A 49 -5.72 6.25 5.42
C GLU A 49 -6.59 6.34 4.15
N GLU A 50 -6.49 7.48 3.43
CA GLU A 50 -7.19 7.71 2.14
C GLU A 50 -6.85 6.61 1.12
N PHE A 51 -5.56 6.22 1.04
CA PHE A 51 -5.09 5.14 0.13
C PHE A 51 -5.68 3.78 0.55
N ILE A 52 -5.81 3.55 1.87
CA ILE A 52 -6.43 2.32 2.43
C ILE A 52 -7.91 2.25 1.97
N ASP A 53 -8.56 3.42 1.97
CA ASP A 53 -9.96 3.55 1.52
C ASP A 53 -10.01 3.25 0.02
N GLU A 54 -8.98 3.76 -0.70
CA GLU A 54 -8.87 3.59 -2.15
C GLU A 54 -8.62 2.12 -2.48
N PHE A 55 -7.95 1.39 -1.55
CA PHE A 55 -7.71 -0.05 -1.73
C PHE A 55 -9.06 -0.77 -1.85
N ASN A 56 -10.01 -0.43 -0.94
CA ASN A 56 -11.37 -1.00 -0.96
C ASN A 56 -12.07 -0.66 -2.30
N GLY A 57 -11.73 0.51 -2.86
CA GLY A 57 -12.19 0.92 -4.17
C GLY A 57 -11.65 0.04 -5.29
N LEU A 58 -10.30 -0.08 -5.39
CA LEU A 58 -9.61 -0.67 -6.58
C LEU A 58 -9.57 -2.20 -6.51
N HIS A 59 -9.88 -2.74 -5.31
CA HIS A 59 -9.98 -4.19 -5.08
C HIS A 59 -11.27 -4.71 -5.74
N MET A 60 -12.35 -3.91 -5.66
CA MET A 60 -13.68 -4.30 -6.15
C MET A 60 -13.98 -3.59 -7.50
N SER A 61 -14.18 -2.26 -7.45
CA SER A 61 -14.53 -1.44 -8.63
C SER A 61 -14.29 0.06 -8.30
N LYS A 62 -13.13 0.59 -8.76
CA LYS A 62 -12.72 1.98 -8.48
C LYS A 62 -13.44 2.95 -9.45
N ASP A 63 -14.70 3.25 -9.10
CA ASP A 63 -15.58 4.19 -9.84
C ASP A 63 -16.98 4.22 -9.18
N LYS A 64 -17.75 5.27 -9.49
CA LYS A 64 -19.16 5.42 -9.05
C LYS A 64 -19.94 6.30 -10.06
N GLY A 1 6.79 15.49 1.01
CA GLY A 1 8.13 15.02 0.58
C GLY A 1 8.37 13.56 0.94
N ALA A 2 9.64 13.22 1.21
CA ALA A 2 10.07 11.86 1.57
C ALA A 2 11.34 11.92 2.42
N SER A 3 11.22 11.54 3.71
CA SER A 3 12.37 11.39 4.62
C SER A 3 12.48 9.93 5.10
N GLY A 4 11.58 9.07 4.58
CA GLY A 4 11.54 7.65 4.94
C GLY A 4 11.36 6.75 3.71
N ASP A 5 10.95 5.49 3.97
CA ASP A 5 10.81 4.44 2.93
C ASP A 5 9.71 4.76 1.89
N LEU A 6 8.78 5.62 2.30
CA LEU A 6 7.59 6.00 1.52
C LEU A 6 7.95 7.20 0.65
N TYR A 7 8.76 6.91 -0.38
CA TYR A 7 9.29 7.89 -1.33
C TYR A 7 8.16 8.72 -1.99
N GLU A 8 7.45 8.09 -2.94
CA GLU A 8 6.33 8.68 -3.67
C GLU A 8 5.48 7.53 -4.18
N VAL A 9 4.59 7.00 -3.32
CA VAL A 9 3.75 5.84 -3.65
C VAL A 9 2.77 6.20 -4.78
N GLU A 10 2.55 5.26 -5.73
CA GLU A 10 1.46 5.36 -6.70
C GLU A 10 0.15 5.13 -5.95
N ARG A 11 0.09 3.97 -5.24
CA ARG A 11 -1.08 3.54 -4.44
C ARG A 11 -0.88 2.11 -3.92
N ILE A 12 -1.90 1.56 -3.25
CA ILE A 12 -1.88 0.18 -2.77
C ILE A 12 -2.29 -0.77 -3.92
N VAL A 13 -1.49 -1.84 -4.07
CA VAL A 13 -1.72 -2.93 -5.02
C VAL A 13 -2.76 -3.91 -4.46
N ASP A 14 -2.48 -4.37 -3.24
CA ASP A 14 -3.11 -5.54 -2.63
C ASP A 14 -2.80 -5.54 -1.12
N LYS A 15 -3.40 -6.46 -0.36
CA LYS A 15 -3.02 -6.70 1.04
C LYS A 15 -3.31 -8.17 1.39
N ARG A 16 -2.74 -8.59 2.52
CA ARG A 16 -2.81 -9.96 3.05
C ARG A 16 -2.35 -9.93 4.52
N LYS A 17 -2.35 -11.09 5.18
CA LYS A 17 -1.83 -11.19 6.56
C LYS A 17 -0.31 -11.46 6.52
N ASN A 18 0.46 -10.65 7.27
CA ASN A 18 1.90 -10.84 7.50
C ASN A 18 2.15 -12.15 8.30
N LYS A 19 3.42 -12.61 8.36
CA LYS A 19 3.82 -13.82 9.11
C LYS A 19 3.49 -13.72 10.62
N LYS A 20 3.44 -12.47 11.12
CA LYS A 20 3.10 -12.16 12.52
C LYS A 20 1.57 -12.12 12.74
N GLY A 21 0.80 -12.46 11.69
CA GLY A 21 -0.65 -12.34 11.69
C GLY A 21 -1.14 -10.88 11.68
N LYS A 22 -0.23 -9.98 11.26
CA LYS A 22 -0.52 -8.54 11.14
C LYS A 22 -1.08 -8.21 9.76
N TRP A 23 -1.40 -6.95 9.53
CA TRP A 23 -1.86 -6.47 8.23
C TRP A 23 -0.64 -6.08 7.39
N GLU A 24 -0.45 -6.79 6.28
CA GLU A 24 0.64 -6.53 5.33
C GLU A 24 0.01 -5.94 4.09
N TYR A 25 0.56 -4.84 3.57
CA TYR A 25 -0.03 -4.12 2.45
C TYR A 25 0.97 -4.06 1.31
N LEU A 26 0.59 -4.68 0.19
CA LEU A 26 1.35 -4.62 -1.03
C LEU A 26 1.18 -3.22 -1.64
N ILE A 27 2.27 -2.45 -1.71
CA ILE A 27 2.28 -1.08 -2.26
C ILE A 27 3.22 -1.01 -3.48
N ARG A 28 2.93 -0.05 -4.38
CA ARG A 28 3.77 0.30 -5.55
C ARG A 28 4.09 1.79 -5.48
N TRP A 29 5.37 2.17 -5.76
CA TRP A 29 5.79 3.59 -5.83
C TRP A 29 6.28 3.99 -7.22
N LYS A 30 6.20 5.30 -7.49
CA LYS A 30 6.42 5.91 -8.80
C LYS A 30 7.92 5.90 -9.15
N GLY A 31 8.22 5.76 -10.44
CA GLY A 31 9.56 5.40 -10.90
C GLY A 31 9.63 3.92 -11.27
N TYR A 32 8.85 3.10 -10.54
CA TYR A 32 8.66 1.66 -10.78
C TYR A 32 7.14 1.34 -10.72
N GLY A 33 6.78 0.04 -10.66
CA GLY A 33 5.35 -0.36 -10.58
C GLY A 33 5.18 -1.83 -10.18
N SER A 34 4.84 -2.69 -11.16
CA SER A 34 4.61 -4.13 -10.92
C SER A 34 5.91 -4.85 -10.54
N THR A 35 7.02 -4.46 -11.19
CA THR A 35 8.36 -4.98 -10.88
C THR A 35 8.83 -4.55 -9.47
N GLU A 36 8.27 -3.42 -8.99
CA GLU A 36 8.57 -2.88 -7.66
C GLU A 36 7.89 -3.72 -6.58
N ASP A 37 6.64 -4.14 -6.90
CA ASP A 37 5.58 -4.49 -5.94
C ASP A 37 6.12 -4.93 -4.54
N THR A 38 6.17 -3.97 -3.61
CA THR A 38 6.81 -4.13 -2.30
C THR A 38 5.75 -4.34 -1.22
N TRP A 39 6.13 -4.93 -0.08
CA TRP A 39 5.19 -5.25 1.01
C TRP A 39 5.49 -4.40 2.25
N GLU A 40 4.72 -3.31 2.42
CA GLU A 40 4.89 -2.37 3.54
C GLU A 40 4.05 -2.84 4.76
N PRO A 41 4.58 -2.71 6.02
CA PRO A 41 3.84 -3.12 7.23
C PRO A 41 2.69 -2.14 7.53
N GLU A 42 1.66 -2.64 8.24
CA GLU A 42 0.46 -1.84 8.64
C GLU A 42 0.83 -0.48 9.24
N HIS A 43 1.59 -0.48 10.35
CA HIS A 43 1.87 0.74 11.13
C HIS A 43 2.78 1.74 10.36
N HIS A 44 3.38 1.31 9.22
CA HIS A 44 4.29 2.16 8.40
C HIS A 44 3.97 2.09 6.89
N LEU A 45 2.73 1.71 6.50
CA LEU A 45 2.39 1.62 5.05
C LEU A 45 2.31 3.05 4.44
N LEU A 46 1.59 3.93 5.15
CA LEU A 46 1.34 5.34 4.81
C LEU A 46 1.07 6.08 6.12
N HIS A 47 1.10 7.43 6.07
CA HIS A 47 0.84 8.28 7.27
C HIS A 47 -0.68 8.45 7.53
N CYS A 48 -1.53 7.99 6.59
CA CYS A 48 -3.00 8.11 6.69
C CYS A 48 -3.72 6.92 6.02
N GLU A 49 -4.90 6.58 6.57
CA GLU A 49 -5.80 5.50 6.10
C GLU A 49 -6.51 5.89 4.77
N GLU A 50 -6.39 7.17 4.36
CA GLU A 50 -7.00 7.72 3.10
C GLU A 50 -6.67 6.81 1.88
N PHE A 51 -5.39 6.44 1.81
CA PHE A 51 -4.84 5.56 0.76
C PHE A 51 -5.49 4.15 0.87
N ILE A 52 -5.65 3.65 2.10
CA ILE A 52 -6.33 2.36 2.36
C ILE A 52 -7.78 2.41 1.85
N ASP A 53 -8.41 3.59 2.01
CA ASP A 53 -9.80 3.81 1.62
C ASP A 53 -9.93 3.74 0.08
N GLU A 54 -8.94 4.34 -0.65
CA GLU A 54 -8.96 4.32 -2.14
C GLU A 54 -8.75 2.88 -2.61
N PHE A 55 -7.97 2.12 -1.80
CA PHE A 55 -7.65 0.72 -2.07
C PHE A 55 -8.93 -0.11 -2.00
N ASN A 56 -9.79 0.22 -1.00
CA ASN A 56 -11.08 -0.46 -0.81
C ASN A 56 -11.94 -0.21 -2.07
N GLY A 57 -11.83 1.00 -2.64
CA GLY A 57 -12.57 1.35 -3.86
C GLY A 57 -12.07 0.61 -5.11
N LEU A 58 -10.74 0.39 -5.22
CA LEU A 58 -10.12 -0.13 -6.47
C LEU A 58 -9.99 -1.67 -6.45
N HIS A 59 -10.11 -2.28 -5.26
CA HIS A 59 -9.91 -3.74 -5.07
C HIS A 59 -11.23 -4.42 -4.64
N MET A 60 -12.19 -3.63 -4.14
CA MET A 60 -13.48 -4.12 -3.65
C MET A 60 -14.53 -3.02 -3.83
N SER A 61 -14.89 -2.76 -5.10
CA SER A 61 -15.83 -1.69 -5.47
C SER A 61 -17.24 -1.97 -4.92
N LYS A 62 -17.50 -1.42 -3.73
CA LYS A 62 -18.78 -1.56 -3.02
C LYS A 62 -19.81 -0.58 -3.60
N ASP A 63 -21.06 -1.05 -3.70
CA ASP A 63 -22.22 -0.20 -4.05
C ASP A 63 -22.64 0.61 -2.82
N LYS A 64 -23.08 1.86 -3.05
CA LYS A 64 -23.45 2.79 -1.97
C LYS A 64 -24.56 3.73 -2.47
N GLY A 1 12.24 15.56 -3.04
CA GLY A 1 12.27 15.01 -1.67
C GLY A 1 11.62 13.64 -1.58
N ALA A 2 11.55 13.09 -0.35
CA ALA A 2 10.96 11.77 -0.09
C ALA A 2 10.15 11.80 1.22
N SER A 3 9.09 10.98 1.30
CA SER A 3 8.28 10.82 2.53
C SER A 3 8.88 9.69 3.40
N GLY A 4 10.20 9.78 3.65
CA GLY A 4 10.96 8.75 4.37
C GLY A 4 11.23 7.52 3.50
N ASP A 5 10.77 6.36 3.98
CA ASP A 5 10.86 5.07 3.23
C ASP A 5 9.88 5.10 2.03
N LEU A 6 8.81 5.90 2.20
CA LEU A 6 7.73 6.08 1.22
C LEU A 6 8.10 7.22 0.26
N TYR A 7 9.23 7.02 -0.47
CA TYR A 7 9.81 8.00 -1.43
C TYR A 7 8.74 8.81 -2.18
N GLU A 8 8.00 8.11 -3.02
CA GLU A 8 6.84 8.63 -3.71
C GLU A 8 6.00 7.42 -4.08
N VAL A 9 4.82 7.26 -3.48
CA VAL A 9 3.95 6.11 -3.76
C VAL A 9 3.04 6.42 -4.97
N GLU A 10 2.80 5.40 -5.80
CA GLU A 10 1.77 5.43 -6.81
C GLU A 10 0.40 5.28 -6.11
N ARG A 11 0.26 4.15 -5.36
CA ARG A 11 -1.00 3.78 -4.66
C ARG A 11 -0.84 2.41 -4.00
N ILE A 12 -1.90 1.94 -3.32
CA ILE A 12 -1.97 0.55 -2.84
C ILE A 12 -2.42 -0.36 -3.98
N VAL A 13 -1.68 -1.47 -4.14
CA VAL A 13 -2.00 -2.55 -5.06
C VAL A 13 -3.08 -3.45 -4.43
N ASP A 14 -2.74 -4.01 -3.26
CA ASP A 14 -3.53 -5.05 -2.59
C ASP A 14 -3.04 -5.17 -1.13
N LYS A 15 -3.53 -6.18 -0.38
CA LYS A 15 -3.03 -6.48 0.97
C LYS A 15 -2.90 -8.01 1.15
N ARG A 16 -2.21 -8.41 2.22
CA ARG A 16 -2.08 -9.81 2.64
C ARG A 16 -1.77 -9.85 4.15
N LYS A 17 -1.89 -11.03 4.76
CA LYS A 17 -1.60 -11.22 6.19
C LYS A 17 -0.15 -11.73 6.33
N ASN A 18 0.59 -11.14 7.28
CA ASN A 18 1.97 -11.54 7.61
C ASN A 18 2.00 -12.96 8.23
N LYS A 19 3.19 -13.58 8.28
CA LYS A 19 3.44 -14.87 8.96
C LYS A 19 2.96 -14.84 10.44
N LYS A 20 3.13 -13.66 11.06
CA LYS A 20 2.71 -13.37 12.44
C LYS A 20 1.18 -13.08 12.51
N GLY A 21 0.54 -12.94 11.33
CA GLY A 21 -0.90 -12.70 11.23
C GLY A 21 -1.25 -11.23 11.34
N LYS A 22 -0.38 -10.38 10.80
CA LYS A 22 -0.47 -8.91 10.92
C LYS A 22 -0.95 -8.26 9.61
N TRP A 23 -1.47 -7.03 9.73
CA TRP A 23 -1.92 -6.22 8.58
C TRP A 23 -0.71 -5.79 7.74
N GLU A 24 -0.60 -6.32 6.52
CA GLU A 24 0.38 -5.85 5.51
C GLU A 24 -0.35 -5.51 4.24
N TYR A 25 0.16 -4.52 3.51
CA TYR A 25 -0.42 -4.07 2.25
C TYR A 25 0.68 -4.05 1.17
N LEU A 26 0.35 -4.63 0.01
CA LEU A 26 1.19 -4.58 -1.18
C LEU A 26 1.08 -3.16 -1.77
N ILE A 27 2.15 -2.37 -1.66
CA ILE A 27 2.20 -0.97 -2.17
C ILE A 27 3.16 -0.91 -3.37
N ARG A 28 2.90 0.06 -4.28
CA ARG A 28 3.75 0.36 -5.43
C ARG A 28 4.15 1.84 -5.38
N TRP A 29 5.44 2.12 -5.64
CA TRP A 29 5.99 3.48 -5.73
C TRP A 29 5.93 3.97 -7.19
N LYS A 30 5.92 5.30 -7.35
CA LYS A 30 5.68 5.98 -8.62
C LYS A 30 6.90 5.84 -9.54
N GLY A 31 6.67 5.36 -10.77
CA GLY A 31 7.72 5.10 -11.75
C GLY A 31 8.25 3.67 -11.71
N TYR A 32 8.18 3.05 -10.52
CA TYR A 32 8.69 1.68 -10.31
C TYR A 32 7.54 0.68 -10.56
N GLY A 33 6.50 0.81 -9.72
CA GLY A 33 5.25 0.05 -9.85
C GLY A 33 5.44 -1.45 -9.70
N SER A 34 5.51 -2.15 -10.86
CA SER A 34 5.62 -3.61 -10.94
C SER A 34 6.86 -4.13 -10.19
N THR A 35 8.05 -3.59 -10.57
CA THR A 35 9.35 -4.00 -9.97
C THR A 35 9.46 -3.60 -8.48
N GLU A 36 8.53 -2.76 -8.01
CA GLU A 36 8.52 -2.25 -6.64
C GLU A 36 7.69 -3.13 -5.70
N ASP A 37 6.54 -3.67 -6.23
CA ASP A 37 5.43 -4.26 -5.42
C ASP A 37 5.93 -5.01 -4.16
N THR A 38 5.94 -4.30 -3.01
CA THR A 38 6.48 -4.82 -1.73
C THR A 38 5.42 -4.69 -0.62
N TRP A 39 5.53 -5.54 0.40
CA TRP A 39 4.55 -5.60 1.50
C TRP A 39 5.04 -4.73 2.65
N GLU A 40 4.44 -3.54 2.78
CA GLU A 40 4.66 -2.66 3.92
C GLU A 40 3.56 -2.89 4.97
N PRO A 41 3.94 -3.20 6.25
CA PRO A 41 2.97 -3.39 7.36
C PRO A 41 2.20 -2.11 7.67
N GLU A 42 1.16 -2.23 8.52
CA GLU A 42 0.24 -1.12 8.85
C GLU A 42 0.98 0.19 9.27
N HIS A 43 1.86 0.09 10.26
CA HIS A 43 2.59 1.26 10.79
C HIS A 43 3.65 1.80 9.80
N HIS A 44 3.89 1.09 8.68
CA HIS A 44 4.87 1.52 7.66
C HIS A 44 4.18 1.92 6.33
N LEU A 45 2.94 1.43 6.06
CA LEU A 45 2.42 1.36 4.66
C LEU A 45 2.29 2.75 4.02
N LEU A 46 1.69 3.69 4.76
CA LEU A 46 1.40 5.06 4.32
C LEU A 46 1.38 5.99 5.54
N HIS A 47 1.54 7.28 5.27
CA HIS A 47 1.44 8.36 6.27
C HIS A 47 -0.05 8.73 6.52
N CYS A 48 -0.92 8.39 5.55
CA CYS A 48 -2.33 8.80 5.55
C CYS A 48 -3.26 7.61 5.26
N GLU A 49 -4.42 7.58 5.95
CA GLU A 49 -5.44 6.52 5.80
C GLU A 49 -6.18 6.60 4.43
N GLU A 50 -5.96 7.72 3.71
CA GLU A 50 -6.58 8.02 2.39
C GLU A 50 -6.39 6.84 1.41
N PHE A 51 -5.13 6.39 1.31
CA PHE A 51 -4.73 5.32 0.40
C PHE A 51 -5.35 3.97 0.82
N ILE A 52 -5.50 3.75 2.14
CA ILE A 52 -6.16 2.54 2.68
C ILE A 52 -7.64 2.56 2.22
N ASP A 53 -8.22 3.78 2.21
CA ASP A 53 -9.61 4.02 1.81
C ASP A 53 -9.80 3.73 0.32
N GLU A 54 -8.79 4.13 -0.51
CA GLU A 54 -8.89 3.93 -1.97
C GLU A 54 -8.82 2.43 -2.25
N PHE A 55 -8.05 1.70 -1.40
CA PHE A 55 -7.92 0.23 -1.49
C PHE A 55 -9.27 -0.43 -1.15
N ASN A 56 -9.94 0.13 -0.13
CA ASN A 56 -11.24 -0.37 0.37
C ASN A 56 -12.29 -0.28 -0.75
N GLY A 57 -12.06 0.65 -1.71
CA GLY A 57 -12.89 0.79 -2.89
C GLY A 57 -12.40 -0.01 -4.09
N LEU A 58 -11.06 -0.11 -4.29
CA LEU A 58 -10.49 -0.60 -5.58
C LEU A 58 -10.29 -2.12 -5.58
N HIS A 59 -10.45 -2.78 -4.41
CA HIS A 59 -10.21 -4.23 -4.26
C HIS A 59 -11.16 -5.06 -5.14
N MET A 60 -12.44 -4.67 -5.17
CA MET A 60 -13.48 -5.36 -5.96
C MET A 60 -13.98 -4.48 -7.12
N SER A 61 -13.46 -3.26 -7.23
CA SER A 61 -13.95 -2.26 -8.19
C SER A 61 -12.86 -1.20 -8.40
N LYS A 62 -11.77 -1.57 -9.12
CA LYS A 62 -10.63 -0.67 -9.31
C LYS A 62 -10.96 0.44 -10.31
N ASP A 63 -11.52 1.54 -9.79
CA ASP A 63 -11.79 2.74 -10.60
C ASP A 63 -10.46 3.38 -11.02
N LYS A 64 -10.47 3.95 -12.23
CA LYS A 64 -9.27 4.44 -12.95
C LYS A 64 -8.40 3.21 -13.37
N GLY A 1 8.22 16.98 5.49
CA GLY A 1 7.90 15.94 4.49
C GLY A 1 7.73 14.57 5.12
N ALA A 2 7.95 13.52 4.31
CA ALA A 2 7.81 12.12 4.75
C ALA A 2 9.12 11.58 5.31
N SER A 3 10.15 11.52 4.43
CA SER A 3 11.51 11.04 4.75
C SER A 3 11.47 9.60 5.35
N GLY A 4 11.33 8.61 4.45
CA GLY A 4 11.22 7.21 4.84
C GLY A 4 11.20 6.28 3.63
N ASP A 5 10.58 5.10 3.81
CA ASP A 5 10.47 4.06 2.75
C ASP A 5 9.53 4.51 1.63
N LEU A 6 8.58 5.38 1.96
CA LEU A 6 7.51 5.80 1.03
C LEU A 6 8.01 6.97 0.17
N TYR A 7 8.99 6.65 -0.71
CA TYR A 7 9.64 7.57 -1.66
C TYR A 7 8.63 8.44 -2.40
N GLU A 8 7.86 7.79 -3.26
CA GLU A 8 6.71 8.34 -3.92
C GLU A 8 5.87 7.15 -4.29
N VAL A 9 4.86 6.85 -3.47
CA VAL A 9 3.97 5.70 -3.70
C VAL A 9 2.94 6.07 -4.79
N GLU A 10 2.63 5.14 -5.72
CA GLU A 10 1.48 5.35 -6.61
C GLU A 10 0.19 5.17 -5.79
N ARG A 11 0.05 3.98 -5.18
CA ARG A 11 -1.19 3.58 -4.46
C ARG A 11 -1.03 2.22 -3.79
N ILE A 12 -2.07 1.79 -3.07
CA ILE A 12 -2.16 0.44 -2.53
C ILE A 12 -2.62 -0.53 -3.64
N VAL A 13 -1.85 -1.60 -3.83
CA VAL A 13 -2.17 -2.71 -4.70
C VAL A 13 -3.22 -3.61 -4.03
N ASP A 14 -2.87 -4.09 -2.82
CA ASP A 14 -3.58 -5.17 -2.14
C ASP A 14 -3.20 -5.16 -0.64
N LYS A 15 -3.67 -6.15 0.12
CA LYS A 15 -3.24 -6.36 1.51
C LYS A 15 -3.18 -7.87 1.80
N ARG A 16 -2.36 -8.23 2.78
CA ARG A 16 -2.15 -9.61 3.20
C ARG A 16 -1.82 -9.65 4.71
N LYS A 17 -1.62 -10.86 5.23
CA LYS A 17 -1.19 -11.09 6.61
C LYS A 17 0.20 -11.74 6.59
N ASN A 18 1.06 -11.36 7.54
CA ASN A 18 2.43 -11.90 7.67
C ASN A 18 2.38 -13.33 8.26
N LYS A 19 3.55 -14.04 8.28
CA LYS A 19 3.67 -15.39 8.90
C LYS A 19 3.20 -15.37 10.38
N LYS A 20 3.54 -14.28 11.09
CA LYS A 20 3.18 -14.08 12.51
C LYS A 20 1.70 -13.64 12.64
N GLY A 21 1.17 -13.05 11.56
CA GLY A 21 -0.18 -12.50 11.54
C GLY A 21 -0.21 -10.99 11.69
N LYS A 22 0.90 -10.33 11.31
CA LYS A 22 0.98 -8.85 11.27
C LYS A 22 0.19 -8.32 10.07
N TRP A 23 -0.33 -7.10 10.23
CA TRP A 23 -1.10 -6.39 9.19
C TRP A 23 -0.13 -5.89 8.11
N GLU A 24 -0.24 -6.44 6.90
CA GLU A 24 0.62 -6.09 5.77
C GLU A 24 -0.25 -5.54 4.64
N TYR A 25 0.28 -4.60 3.87
CA TYR A 25 -0.41 -3.95 2.75
C TYR A 25 0.57 -3.85 1.59
N LEU A 26 0.19 -4.46 0.47
CA LEU A 26 0.97 -4.42 -0.76
C LEU A 26 0.78 -3.03 -1.39
N ILE A 27 1.87 -2.24 -1.40
CA ILE A 27 1.90 -0.88 -1.97
C ILE A 27 2.83 -0.86 -3.19
N ARG A 28 2.42 -0.19 -4.28
CA ARG A 28 3.27 0.04 -5.46
C ARG A 28 3.80 1.49 -5.45
N TRP A 29 5.10 1.64 -5.78
CA TRP A 29 5.84 2.93 -5.68
C TRP A 29 6.21 3.51 -7.06
N LYS A 30 5.80 4.75 -7.26
CA LYS A 30 5.96 5.48 -8.51
C LYS A 30 7.45 5.75 -8.78
N GLY A 31 7.88 5.51 -10.03
CA GLY A 31 9.29 5.67 -10.42
C GLY A 31 10.00 4.35 -10.70
N TYR A 32 9.40 3.20 -10.30
CA TYR A 32 9.95 1.85 -10.63
C TYR A 32 9.12 1.12 -11.70
N GLY A 33 9.55 -0.09 -12.09
CA GLY A 33 8.76 -0.98 -12.97
C GLY A 33 7.62 -1.67 -12.21
N SER A 34 7.11 -2.82 -12.69
CA SER A 34 6.08 -3.60 -11.95
C SER A 34 6.63 -4.14 -10.59
N THR A 35 7.97 -4.18 -10.49
CA THR A 35 8.72 -4.58 -9.27
C THR A 35 8.57 -3.57 -8.12
N GLU A 36 7.86 -2.46 -8.39
CA GLU A 36 7.54 -1.42 -7.40
C GLU A 36 6.61 -1.95 -6.31
N ASP A 37 5.91 -3.07 -6.63
CA ASP A 37 4.98 -3.72 -5.71
C ASP A 37 5.81 -4.32 -4.53
N THR A 38 5.45 -3.94 -3.31
CA THR A 38 6.10 -4.41 -2.09
C THR A 38 5.10 -4.41 -0.92
N TRP A 39 5.15 -5.43 -0.05
CA TRP A 39 4.21 -5.56 1.10
C TRP A 39 4.72 -4.76 2.32
N GLU A 40 4.32 -3.49 2.39
CA GLU A 40 4.73 -2.59 3.47
C GLU A 40 3.87 -2.87 4.71
N PRO A 41 4.48 -2.83 5.95
CA PRO A 41 3.73 -3.06 7.19
C PRO A 41 2.72 -1.93 7.41
N GLU A 42 1.56 -2.26 7.96
CA GLU A 42 0.48 -1.30 8.24
C GLU A 42 0.97 -0.14 9.14
N HIS A 43 1.85 -0.45 10.09
CA HIS A 43 2.44 0.56 11.00
C HIS A 43 3.31 1.61 10.25
N HIS A 44 3.67 1.31 8.99
CA HIS A 44 4.51 2.19 8.13
C HIS A 44 3.96 2.27 6.68
N LEU A 45 2.69 1.85 6.42
CA LEU A 45 2.19 1.71 5.02
C LEU A 45 2.01 3.09 4.34
N LEU A 46 1.38 4.01 5.09
CA LEU A 46 1.02 5.39 4.68
C LEU A 46 0.96 6.25 5.96
N HIS A 47 0.78 7.57 5.79
CA HIS A 47 0.63 8.50 6.95
C HIS A 47 -0.86 8.79 7.23
N CYS A 48 -1.75 8.44 6.27
CA CYS A 48 -3.21 8.69 6.37
C CYS A 48 -4.00 7.52 5.76
N GLU A 49 -5.27 7.37 6.23
CA GLU A 49 -6.19 6.28 5.81
C GLU A 49 -6.71 6.46 4.35
N GLU A 50 -6.43 7.63 3.72
CA GLU A 50 -6.90 8.00 2.36
C GLU A 50 -6.66 6.88 1.33
N PHE A 51 -5.41 6.41 1.27
CA PHE A 51 -5.01 5.33 0.35
C PHE A 51 -5.73 4.00 0.68
N ILE A 52 -5.99 3.76 1.97
CA ILE A 52 -6.73 2.56 2.43
C ILE A 52 -8.18 2.63 1.88
N ASP A 53 -8.72 3.85 1.85
CA ASP A 53 -10.08 4.12 1.34
C ASP A 53 -10.13 3.84 -0.18
N GLU A 54 -9.04 4.24 -0.90
CA GLU A 54 -8.95 4.06 -2.37
C GLU A 54 -8.74 2.58 -2.69
N PHE A 55 -8.12 1.85 -1.71
CA PHE A 55 -7.94 0.40 -1.78
C PHE A 55 -9.32 -0.27 -1.80
N ASN A 56 -10.23 0.23 -0.95
CA ASN A 56 -11.63 -0.25 -0.89
C ASN A 56 -12.35 0.07 -2.22
N GLY A 57 -11.86 1.13 -2.90
CA GLY A 57 -12.35 1.52 -4.22
C GLY A 57 -11.90 0.58 -5.33
N LEU A 58 -10.64 0.11 -5.29
CA LEU A 58 -10.07 -0.74 -6.37
C LEU A 58 -10.24 -2.24 -6.06
N HIS A 59 -10.78 -2.57 -4.86
CA HIS A 59 -10.89 -3.98 -4.41
C HIS A 59 -12.38 -4.36 -4.14
N MET A 60 -13.22 -3.35 -3.82
CA MET A 60 -14.68 -3.55 -3.51
C MET A 60 -15.57 -2.47 -4.18
N SER A 61 -14.96 -1.68 -5.10
CA SER A 61 -15.63 -0.58 -5.85
C SER A 61 -16.31 0.48 -4.95
N LYS A 62 -15.87 0.59 -3.66
CA LYS A 62 -16.45 1.52 -2.64
C LYS A 62 -17.94 1.23 -2.35
N ASP A 63 -18.46 0.12 -2.89
CA ASP A 63 -19.88 -0.18 -2.98
C ASP A 63 -20.25 -1.27 -1.97
N LYS A 64 -21.45 -1.15 -1.40
CA LYS A 64 -21.98 -2.08 -0.40
C LYS A 64 -23.54 -2.09 -0.48
N GLY A 1 9.07 13.94 -0.47
CA GLY A 1 10.47 14.15 -0.05
C GLY A 1 10.85 13.28 1.15
N ALA A 2 11.77 13.78 1.98
CA ALA A 2 12.31 13.05 3.14
C ALA A 2 11.28 12.97 4.28
N SER A 3 10.68 11.76 4.46
CA SER A 3 9.75 11.45 5.55
C SER A 3 10.06 10.03 6.06
N GLY A 4 11.36 9.79 6.32
CA GLY A 4 11.89 8.47 6.63
C GLY A 4 12.19 7.69 5.37
N ASP A 5 12.16 6.35 5.47
CA ASP A 5 12.37 5.45 4.31
C ASP A 5 11.00 5.16 3.65
N LEU A 6 10.29 6.23 3.29
CA LEU A 6 8.96 6.20 2.66
C LEU A 6 9.00 7.22 1.53
N TYR A 7 9.42 6.74 0.34
CA TYR A 7 9.68 7.57 -0.86
C TYR A 7 8.38 8.23 -1.39
N GLU A 8 7.72 7.59 -2.39
CA GLU A 8 6.50 8.08 -3.02
C GLU A 8 5.78 6.88 -3.60
N VAL A 9 4.58 6.61 -3.09
CA VAL A 9 3.79 5.46 -3.55
C VAL A 9 3.00 5.81 -4.82
N GLU A 10 2.83 4.82 -5.71
CA GLU A 10 1.90 4.89 -6.83
C GLU A 10 0.47 4.74 -6.26
N ARG A 11 0.24 3.60 -5.57
CA ARG A 11 -1.06 3.25 -4.97
C ARG A 11 -0.93 1.91 -4.25
N ILE A 12 -2.02 1.44 -3.64
CA ILE A 12 -2.08 0.10 -3.03
C ILE A 12 -2.51 -0.93 -4.10
N VAL A 13 -1.72 -2.01 -4.18
CA VAL A 13 -1.98 -3.16 -5.04
C VAL A 13 -3.11 -4.01 -4.42
N ASP A 14 -2.89 -4.39 -3.16
CA ASP A 14 -3.73 -5.36 -2.44
C ASP A 14 -3.36 -5.31 -0.94
N LYS A 15 -3.91 -6.20 -0.12
CA LYS A 15 -3.45 -6.39 1.27
C LYS A 15 -3.15 -7.89 1.49
N ARG A 16 -2.37 -8.17 2.53
CA ARG A 16 -2.02 -9.54 2.92
C ARG A 16 -1.71 -9.55 4.41
N LYS A 17 -1.38 -10.73 4.94
CA LYS A 17 -1.00 -10.89 6.34
C LYS A 17 0.41 -11.48 6.39
N ASN A 18 1.29 -10.89 7.23
CA ASN A 18 2.65 -11.40 7.46
C ASN A 18 2.62 -12.80 8.10
N LYS A 19 3.75 -13.52 8.06
CA LYS A 19 3.88 -14.89 8.60
C LYS A 19 3.38 -15.01 10.07
N LYS A 20 3.56 -13.95 10.87
CA LYS A 20 3.17 -13.95 12.30
C LYS A 20 1.79 -13.26 12.50
N GLY A 21 1.02 -13.16 11.41
CA GLY A 21 -0.31 -12.55 11.42
C GLY A 21 -0.32 -11.04 11.62
N LYS A 22 0.72 -10.35 11.10
CA LYS A 22 0.80 -8.87 11.16
C LYS A 22 0.05 -8.22 9.99
N TRP A 23 -0.47 -6.99 10.24
CA TRP A 23 -1.19 -6.20 9.25
C TRP A 23 -0.23 -5.71 8.16
N GLU A 24 -0.42 -6.21 6.92
CA GLU A 24 0.42 -5.84 5.77
C GLU A 24 -0.47 -5.38 4.60
N TYR A 25 0.06 -4.45 3.82
CA TYR A 25 -0.56 -3.99 2.57
C TYR A 25 0.47 -4.08 1.45
N LEU A 26 0.08 -4.72 0.34
CA LEU A 26 0.90 -4.83 -0.86
C LEU A 26 0.82 -3.48 -1.58
N ILE A 27 1.95 -2.76 -1.65
CA ILE A 27 2.03 -1.42 -2.23
C ILE A 27 2.97 -1.45 -3.46
N ARG A 28 2.71 -0.55 -4.41
CA ARG A 28 3.64 -0.24 -5.50
C ARG A 28 4.03 1.23 -5.37
N TRP A 29 5.35 1.53 -5.48
CA TRP A 29 5.84 2.92 -5.38
C TRP A 29 6.12 3.47 -6.78
N LYS A 30 5.92 4.78 -6.92
CA LYS A 30 6.05 5.49 -8.20
C LYS A 30 7.52 5.57 -8.60
N GLY A 31 7.83 5.43 -9.89
CA GLY A 31 9.21 5.29 -10.36
C GLY A 31 9.48 3.87 -10.82
N TYR A 32 8.85 2.89 -10.13
CA TYR A 32 8.85 1.48 -10.57
C TYR A 32 7.41 1.11 -11.01
N GLY A 33 6.50 1.16 -10.04
CA GLY A 33 5.09 0.86 -10.26
C GLY A 33 4.79 -0.60 -10.03
N SER A 34 4.10 -1.24 -11.01
CA SER A 34 3.68 -2.65 -10.92
C SER A 34 4.89 -3.60 -10.77
N THR A 35 5.98 -3.29 -11.50
CA THR A 35 7.21 -4.11 -11.48
C THR A 35 7.89 -4.14 -10.09
N GLU A 36 7.49 -3.20 -9.20
CA GLU A 36 7.95 -3.18 -7.80
C GLU A 36 7.22 -4.26 -6.98
N ASP A 37 5.88 -4.15 -6.98
CA ASP A 37 4.94 -4.76 -5.99
C ASP A 37 5.61 -5.33 -4.71
N THR A 38 5.74 -4.46 -3.70
CA THR A 38 6.39 -4.75 -2.42
C THR A 38 5.33 -4.83 -1.31
N TRP A 39 5.71 -5.26 -0.11
CA TRP A 39 4.77 -5.40 1.02
C TRP A 39 5.27 -4.55 2.21
N GLU A 40 4.47 -3.54 2.59
CA GLU A 40 4.79 -2.63 3.72
C GLU A 40 3.81 -2.90 4.88
N PRO A 41 4.22 -2.66 6.16
CA PRO A 41 3.31 -2.77 7.33
C PRO A 41 2.24 -1.67 7.30
N GLU A 42 1.03 -2.01 7.79
CA GLU A 42 -0.12 -1.08 7.84
C GLU A 42 0.24 0.21 8.59
N HIS A 43 0.81 0.08 9.78
CA HIS A 43 1.08 1.23 10.66
C HIS A 43 2.29 2.06 10.20
N HIS A 44 2.91 1.71 9.04
CA HIS A 44 4.01 2.50 8.48
C HIS A 44 3.94 2.63 6.94
N LEU A 45 2.82 2.22 6.28
CA LEU A 45 2.76 2.27 4.79
C LEU A 45 2.76 3.75 4.31
N LEU A 46 1.86 4.53 4.93
CA LEU A 46 1.64 5.98 4.72
C LEU A 46 1.10 6.56 6.05
N HIS A 47 1.19 7.88 6.21
CA HIS A 47 0.57 8.60 7.35
C HIS A 47 -0.93 8.85 7.09
N CYS A 48 -1.30 8.87 5.80
CA CYS A 48 -2.65 9.22 5.35
C CYS A 48 -3.45 7.95 5.03
N GLU A 49 -4.62 7.79 5.71
CA GLU A 49 -5.49 6.61 5.57
C GLU A 49 -6.25 6.60 4.20
N GLU A 50 -6.24 7.75 3.50
CA GLU A 50 -6.90 7.91 2.18
C GLU A 50 -6.40 6.88 1.15
N PHE A 51 -5.12 6.48 1.27
CA PHE A 51 -4.54 5.42 0.43
C PHE A 51 -5.21 4.06 0.71
N ILE A 52 -5.48 3.78 1.99
CA ILE A 52 -6.21 2.55 2.39
C ILE A 52 -7.65 2.63 1.87
N ASP A 53 -8.19 3.87 1.81
CA ASP A 53 -9.55 4.14 1.32
C ASP A 53 -9.62 3.83 -0.17
N GLU A 54 -8.53 4.16 -0.92
CA GLU A 54 -8.49 3.94 -2.38
C GLU A 54 -8.38 2.44 -2.65
N PHE A 55 -7.73 1.71 -1.69
CA PHE A 55 -7.67 0.24 -1.71
C PHE A 55 -9.10 -0.33 -1.57
N ASN A 56 -9.87 0.27 -0.64
CA ASN A 56 -11.25 -0.18 -0.34
C ASN A 56 -12.16 0.10 -1.54
N GLY A 57 -11.72 1.01 -2.43
CA GLY A 57 -12.39 1.24 -3.70
C GLY A 57 -12.04 0.18 -4.75
N LEU A 58 -10.74 -0.17 -4.87
CA LEU A 58 -10.26 -1.08 -5.94
C LEU A 58 -10.27 -2.57 -5.51
N HIS A 59 -10.73 -2.84 -4.26
CA HIS A 59 -10.91 -4.22 -3.74
C HIS A 59 -11.82 -5.03 -4.69
N MET A 60 -12.76 -4.30 -5.30
CA MET A 60 -13.65 -4.78 -6.35
C MET A 60 -13.25 -4.05 -7.65
N SER A 61 -12.97 -4.82 -8.72
CA SER A 61 -12.54 -4.27 -10.02
C SER A 61 -13.74 -3.67 -10.76
N LYS A 62 -14.14 -2.46 -10.31
CA LYS A 62 -15.32 -1.74 -10.79
C LYS A 62 -14.94 -0.79 -11.92
N ASP A 63 -15.79 -0.74 -12.96
CA ASP A 63 -15.66 0.18 -14.09
C ASP A 63 -16.33 1.52 -13.75
N LYS A 64 -17.49 1.42 -13.09
CA LYS A 64 -18.34 2.58 -12.69
C LYS A 64 -18.60 2.52 -11.17
N GLY A 1 9.93 13.05 -2.63
CA GLY A 1 9.57 12.22 -1.46
C GLY A 1 10.08 12.83 -0.16
N ALA A 2 10.85 12.04 0.61
CA ALA A 2 11.49 12.49 1.86
C ALA A 2 12.88 11.83 1.98
N SER A 3 13.53 11.96 3.15
CA SER A 3 14.87 11.38 3.40
C SER A 3 14.78 10.07 4.22
N GLY A 4 13.57 9.45 4.23
CA GLY A 4 13.30 8.25 5.06
C GLY A 4 12.94 7.02 4.23
N ASP A 5 11.99 6.22 4.75
CA ASP A 5 11.60 4.91 4.20
C ASP A 5 10.57 5.06 3.05
N LEU A 6 9.64 6.00 3.23
CA LEU A 6 8.46 6.15 2.37
C LEU A 6 8.80 7.10 1.21
N TYR A 7 9.50 6.53 0.21
CA TYR A 7 9.91 7.23 -1.03
C TYR A 7 8.74 7.96 -1.73
N GLU A 8 7.98 7.23 -2.57
CA GLU A 8 6.86 7.80 -3.30
C GLU A 8 5.88 6.70 -3.69
N VAL A 9 4.72 6.66 -3.04
CA VAL A 9 3.68 5.67 -3.35
C VAL A 9 2.90 6.11 -4.59
N GLU A 10 2.68 5.18 -5.54
CA GLU A 10 1.72 5.40 -6.62
C GLU A 10 0.30 5.23 -6.06
N ARG A 11 0.05 4.07 -5.40
CA ARG A 11 -1.24 3.75 -4.75
C ARG A 11 -1.12 2.39 -4.04
N ILE A 12 -2.20 1.95 -3.37
CA ILE A 12 -2.27 0.59 -2.82
C ILE A 12 -2.78 -0.38 -3.90
N VAL A 13 -2.02 -1.46 -4.08
CA VAL A 13 -2.38 -2.58 -4.95
C VAL A 13 -3.46 -3.42 -4.27
N ASP A 14 -3.11 -3.91 -3.06
CA ASP A 14 -3.91 -4.88 -2.32
C ASP A 14 -3.40 -4.96 -0.86
N LYS A 15 -3.90 -5.91 -0.05
CA LYS A 15 -3.35 -6.16 1.30
C LYS A 15 -3.28 -7.68 1.57
N ARG A 16 -2.71 -8.05 2.72
CA ARG A 16 -2.50 -9.44 3.13
C ARG A 16 -2.12 -9.48 4.62
N LYS A 17 -1.93 -10.70 5.13
CA LYS A 17 -1.33 -10.93 6.44
C LYS A 17 0.14 -11.30 6.23
N ASN A 18 0.94 -11.21 7.29
CA ASN A 18 2.35 -11.61 7.28
C ASN A 18 2.46 -13.02 7.87
N LYS A 19 3.63 -13.64 7.72
CA LYS A 19 3.97 -14.92 8.38
C LYS A 19 3.93 -14.79 9.93
N LYS A 20 4.19 -13.56 10.39
CA LYS A 20 4.06 -13.13 11.81
C LYS A 20 2.63 -12.64 12.13
N GLY A 21 1.71 -12.85 11.18
CA GLY A 21 0.30 -12.46 11.30
C GLY A 21 0.07 -10.95 11.48
N LYS A 22 1.00 -10.16 10.94
CA LYS A 22 0.88 -8.70 10.91
C LYS A 22 0.11 -8.26 9.66
N TRP A 23 -0.49 -7.08 9.70
CA TRP A 23 -1.17 -6.52 8.52
C TRP A 23 -0.12 -5.95 7.56
N GLU A 24 -0.04 -6.50 6.33
CA GLU A 24 0.73 -5.88 5.25
C GLU A 24 -0.24 -5.36 4.19
N TYR A 25 0.18 -4.33 3.49
CA TYR A 25 -0.49 -3.82 2.31
C TYR A 25 0.49 -3.85 1.15
N LEU A 26 0.10 -4.52 0.06
CA LEU A 26 0.88 -4.54 -1.17
C LEU A 26 0.73 -3.15 -1.81
N ILE A 27 1.80 -2.35 -1.72
CA ILE A 27 1.83 -0.98 -2.25
C ILE A 27 2.68 -0.95 -3.51
N ARG A 28 2.24 -0.18 -4.50
CA ARG A 28 3.04 0.11 -5.70
C ARG A 28 3.64 1.52 -5.56
N TRP A 29 4.94 1.66 -5.93
CA TRP A 29 5.74 2.89 -5.70
C TRP A 29 6.28 3.49 -7.03
N LYS A 30 6.09 4.82 -7.17
CA LYS A 30 6.52 5.59 -8.35
C LYS A 30 8.01 5.38 -8.64
N GLY A 31 8.34 5.23 -9.93
CA GLY A 31 9.73 5.11 -10.39
C GLY A 31 10.11 3.71 -10.84
N TYR A 32 9.30 2.69 -10.45
CA TYR A 32 9.56 1.29 -10.89
C TYR A 32 8.40 0.73 -11.75
N GLY A 33 8.62 -0.49 -12.33
CA GLY A 33 7.57 -1.25 -13.02
C GLY A 33 6.81 -2.13 -12.05
N SER A 34 6.38 -3.34 -12.46
CA SER A 34 5.62 -4.27 -11.56
C SER A 34 6.43 -4.67 -10.29
N THR A 35 7.76 -4.50 -10.34
CA THR A 35 8.68 -4.74 -9.21
C THR A 35 8.44 -3.74 -8.04
N GLU A 36 7.69 -2.65 -8.31
CA GLU A 36 7.34 -1.62 -7.32
C GLU A 36 6.39 -2.16 -6.23
N ASP A 37 5.66 -3.25 -6.56
CA ASP A 37 4.70 -3.90 -5.66
C ASP A 37 5.45 -4.55 -4.48
N THR A 38 5.62 -3.80 -3.38
CA THR A 38 6.25 -4.29 -2.14
C THR A 38 5.24 -4.22 -0.98
N TRP A 39 5.34 -5.20 -0.10
CA TRP A 39 4.41 -5.42 1.02
C TRP A 39 4.90 -4.66 2.26
N GLU A 40 4.34 -3.47 2.50
CA GLU A 40 4.73 -2.60 3.62
C GLU A 40 3.80 -2.83 4.83
N PRO A 41 4.34 -2.73 6.09
CA PRO A 41 3.54 -2.93 7.32
C PRO A 41 2.49 -1.82 7.49
N GLU A 42 1.28 -2.20 7.92
CA GLU A 42 0.14 -1.26 8.09
C GLU A 42 0.50 -0.09 9.02
N HIS A 43 1.08 -0.40 10.18
CA HIS A 43 1.44 0.62 11.20
C HIS A 43 2.47 1.65 10.67
N HIS A 44 3.16 1.35 9.56
CA HIS A 44 4.22 2.22 9.00
C HIS A 44 4.12 2.36 7.47
N LEU A 45 3.00 1.95 6.83
CA LEU A 45 2.88 2.01 5.34
C LEU A 45 2.81 3.48 4.88
N LEU A 46 2.05 4.25 5.65
CA LEU A 46 1.68 5.67 5.40
C LEU A 46 0.93 6.17 6.65
N HIS A 47 0.75 7.49 6.73
CA HIS A 47 -0.18 8.14 7.69
C HIS A 47 -1.39 8.73 6.94
N CYS A 48 -1.44 8.46 5.63
CA CYS A 48 -2.57 8.79 4.76
C CYS A 48 -3.46 7.56 4.55
N GLU A 49 -4.52 7.44 5.39
CA GLU A 49 -5.49 6.32 5.30
C GLU A 49 -6.38 6.43 4.04
N GLU A 50 -6.34 7.61 3.39
CA GLU A 50 -7.02 7.84 2.09
C GLU A 50 -6.64 6.75 1.05
N PHE A 51 -5.38 6.31 1.07
CA PHE A 51 -4.91 5.23 0.18
C PHE A 51 -5.58 3.89 0.55
N ILE A 52 -5.73 3.60 1.85
CA ILE A 52 -6.47 2.41 2.34
C ILE A 52 -7.95 2.52 1.89
N ASP A 53 -8.46 3.76 1.87
CA ASP A 53 -9.84 4.06 1.49
C ASP A 53 -10.04 3.74 0.00
N GLU A 54 -9.05 4.13 -0.84
CA GLU A 54 -9.13 3.95 -2.30
C GLU A 54 -8.99 2.45 -2.60
N PHE A 55 -8.25 1.73 -1.70
CA PHE A 55 -8.07 0.28 -1.79
C PHE A 55 -9.45 -0.41 -1.70
N ASN A 56 -10.29 0.07 -0.76
CA ASN A 56 -11.64 -0.48 -0.57
C ASN A 56 -12.52 -0.18 -1.82
N GLY A 57 -12.20 0.94 -2.50
CA GLY A 57 -12.88 1.35 -3.71
C GLY A 57 -12.49 0.51 -4.94
N LEU A 58 -11.21 0.05 -5.00
CA LEU A 58 -10.70 -0.70 -6.17
C LEU A 58 -10.80 -2.23 -5.97
N HIS A 59 -10.90 -2.67 -4.70
CA HIS A 59 -10.96 -4.11 -4.34
C HIS A 59 -12.43 -4.58 -4.28
N MET A 60 -13.27 -3.81 -3.57
CA MET A 60 -14.72 -4.11 -3.45
C MET A 60 -15.49 -3.45 -4.60
N SER A 61 -15.68 -2.12 -4.49
CA SER A 61 -16.48 -1.30 -5.42
C SER A 61 -16.44 0.16 -4.93
N LYS A 62 -16.54 1.12 -5.86
CA LYS A 62 -16.54 2.56 -5.53
C LYS A 62 -17.91 3.18 -5.88
N ASP A 63 -18.27 4.23 -5.14
CA ASP A 63 -19.47 5.05 -5.40
C ASP A 63 -19.06 6.40 -6.04
N LYS A 64 -17.76 6.50 -6.38
CA LYS A 64 -17.11 7.75 -6.78
C LYS A 64 -16.94 7.80 -8.32
#